data_7JOM
#
_entry.id   7JOM
#
_cell.length_a   75.460
_cell.length_b   96.450
_cell.length_c   96.450
_cell.angle_alpha   90.000
_cell.angle_beta   90.000
_cell.angle_gamma   90.000
#
_symmetry.space_group_name_H-M   'P 21 21 21'
#
loop_
_entity.id
_entity.type
_entity.pdbx_description
1 polymer 'Hdac6 protein'
2 non-polymer N-hydroxy-4-({[(pyridin-3-yl)methyl][(2,3,4,5-tetrafluorophenyl)sulfonyl]amino}methyl)benzamide
3 non-polymer 1,2-ETHANEDIOL
4 non-polymer 'FORMIC ACID'
5 non-polymer 'ZINC ION'
6 non-polymer 'POTASSIUM ION'
7 water water
#
_entity_poly.entity_id   1
_entity_poly.type   'polypeptide(L)'
_entity_poly.pdbx_seq_one_letter_code
;SNAGGSSPITGLVYDQRMMLHHNMWDSHHPELPQRISRIFSRHEELRLLSRCHRIPARLATEEELALCHSSKHISIIKSS
EHMKPRDLNRLGDEYNSIFISNESYTCALLAAGSCFNSAQAILTGQVRNAVAIVRPPGHHAEKDTACGFCFFNTAALTAR
YAQSITRESLRVLIVDWDVHHGNGTQHIFEEDDSVLYISLHRYEDGAFFPNSEDANYDKVGLGKGRGYNVNIPWNGGKMG
DPEYMAAFHHLVMPIAREFAPELVLVSAGFDAARGDPLGGFQVTPEGYAHLTHQLMSLAAGRVLIILEGGYNLTSISESM
SMCTSMLLGDSPPSLDHLTPLKTSATVSINNVLRAHAPFWSSLR
;
_entity_poly.pdbx_strand_id   A,B
#
loop_
_chem_comp.id
_chem_comp.type
_chem_comp.name
_chem_comp.formula
EDO non-polymer 1,2-ETHANEDIOL 'C2 H6 O2'
FMT non-polymer 'FORMIC ACID' 'C H2 O2'
K non-polymer 'POTASSIUM ION' 'K 1'
TO3 non-polymer N-hydroxy-4-({[(pyridin-3-yl)methyl][(2,3,4,5-tetrafluorophenyl)sulfonyl]amino}methyl)benzamide 'C20 H15 F4 N3 O4 S'
ZN non-polymer 'ZINC ION' 'Zn 2'
#
# COMPACT_ATOMS: atom_id res chain seq x y z
N PRO A 8 14.01 -17.40 -20.34
CA PRO A 8 12.88 -16.54 -20.71
C PRO A 8 12.72 -15.38 -19.72
N ILE A 9 12.99 -14.16 -20.16
CA ILE A 9 13.12 -13.01 -19.28
C ILE A 9 11.89 -12.11 -19.40
N THR A 10 11.43 -11.60 -18.25
CA THR A 10 10.41 -10.56 -18.19
C THR A 10 11.07 -9.22 -17.85
N GLY A 11 10.79 -8.20 -18.64
CA GLY A 11 11.32 -6.87 -18.37
C GLY A 11 10.37 -6.06 -17.50
N LEU A 12 10.92 -5.11 -16.75
CA LEU A 12 10.12 -4.19 -15.95
C LEU A 12 10.74 -2.81 -16.04
N VAL A 13 9.93 -1.80 -16.34
CA VAL A 13 10.44 -0.44 -16.37
C VAL A 13 9.67 0.39 -15.34
N TYR A 14 10.41 1.13 -14.52
CA TYR A 14 9.87 2.01 -13.49
C TYR A 14 10.91 3.10 -13.25
N ASP A 15 10.46 4.35 -13.18
CA ASP A 15 11.37 5.46 -12.87
C ASP A 15 10.63 6.45 -11.99
N GLN A 16 11.16 6.68 -10.79
CA GLN A 16 10.46 7.51 -9.82
C GLN A 16 10.34 8.95 -10.26
N ARG A 17 11.08 9.36 -11.30
CA ARG A 17 10.93 10.71 -11.85
C ARG A 17 9.52 10.93 -12.39
N MET A 18 8.83 9.87 -12.81
CA MET A 18 7.47 10.06 -13.27
C MET A 18 6.52 10.46 -12.14
N MET A 19 6.98 10.41 -10.89
CA MET A 19 6.17 10.91 -9.79
C MET A 19 6.13 12.44 -9.73
N LEU A 20 6.98 13.13 -10.49
CA LEU A 20 7.08 14.58 -10.37
C LEU A 20 5.86 15.30 -10.92
N HIS A 21 5.19 14.71 -11.92
CA HIS A 21 3.93 15.23 -12.44
C HIS A 21 2.90 15.28 -11.31
N HIS A 22 2.32 16.44 -11.06
CA HIS A 22 1.45 16.54 -9.90
C HIS A 22 0.48 17.70 -10.07
N ASN A 23 -0.59 17.65 -9.27
CA ASN A 23 -1.61 18.70 -9.27
C ASN A 23 -1.23 19.73 -8.22
N MET A 24 -0.93 20.96 -8.67
CA MET A 24 -0.39 21.99 -7.77
C MET A 24 -1.36 22.33 -6.65
N TRP A 25 -2.65 22.23 -6.92
CA TRP A 25 -3.68 22.78 -6.04
C TRP A 25 -4.46 21.72 -5.28
N ASP A 26 -4.24 20.44 -5.57
CA ASP A 26 -5.09 19.38 -5.04
C ASP A 26 -4.20 18.14 -4.90
N SER A 27 -3.54 18.02 -3.75
CA SER A 27 -2.67 16.89 -3.44
C SER A 27 -3.43 15.59 -3.28
N HIS A 28 -4.76 15.62 -3.32
CA HIS A 28 -5.56 14.42 -3.23
C HIS A 28 -6.25 14.06 -4.55
N HIS A 29 -5.87 14.71 -5.64
CA HIS A 29 -6.37 14.32 -6.95
C HIS A 29 -6.06 12.85 -7.19
N PRO A 30 -7.02 12.06 -7.71
CA PRO A 30 -6.83 10.60 -7.77
C PRO A 30 -5.68 10.14 -8.66
N GLU A 31 -5.24 10.93 -9.65
CA GLU A 31 -4.11 10.54 -10.51
C GLU A 31 -2.81 10.90 -9.80
N LEU A 32 -2.52 10.13 -8.75
CA LEU A 32 -1.54 10.41 -7.70
C LEU A 32 -0.15 9.96 -8.13
N PRO A 33 0.87 10.75 -7.79
CA PRO A 33 2.26 10.27 -7.95
C PRO A 33 2.48 8.87 -7.38
N GLN A 34 1.91 8.58 -6.22
CA GLN A 34 2.15 7.30 -5.58
C GLN A 34 1.43 6.14 -6.25
N ARG A 35 0.66 6.37 -7.32
CA ARG A 35 0.13 5.24 -8.08
C ARG A 35 1.26 4.32 -8.54
N ILE A 36 2.33 4.89 -9.10
CA ILE A 36 3.38 4.02 -9.63
C ILE A 36 4.32 3.54 -8.52
N SER A 37 4.59 4.36 -7.51
CA SER A 37 5.44 3.87 -6.42
C SER A 37 4.75 2.77 -5.62
N ARG A 38 3.42 2.81 -5.52
CA ARG A 38 2.72 1.76 -4.79
C ARG A 38 2.73 0.44 -5.55
N ILE A 39 2.54 0.50 -6.87
CA ILE A 39 2.64 -0.73 -7.68
C ILE A 39 4.04 -1.29 -7.58
N PHE A 40 5.05 -0.43 -7.68
CA PHE A 40 6.44 -0.88 -7.56
C PHE A 40 6.69 -1.53 -6.20
N SER A 41 6.19 -0.90 -5.14
CA SER A 41 6.38 -1.43 -3.80
C SER A 41 5.77 -2.82 -3.66
N ARG A 42 4.59 -3.05 -4.24
CA ARG A 42 3.96 -4.36 -4.14
C ARG A 42 4.77 -5.42 -4.89
N HIS A 43 5.42 -5.05 -5.99
CA HIS A 43 6.32 -5.98 -6.69
C HIS A 43 7.50 -6.38 -5.81
N GLU A 44 8.05 -5.42 -5.06
CA GLU A 44 9.09 -5.71 -4.07
C GLU A 44 8.59 -6.66 -2.99
N GLU A 45 7.41 -6.37 -2.44
CA GLU A 45 6.86 -7.16 -1.33
C GLU A 45 6.63 -8.60 -1.73
N LEU A 46 6.13 -8.81 -2.94
CA LEU A 46 5.87 -10.16 -3.45
C LEU A 46 7.11 -10.79 -4.05
N ARG A 47 8.25 -10.08 -4.01
CA ARG A 47 9.53 -10.58 -4.53
C ARG A 47 9.41 -10.93 -6.02
N LEU A 48 8.64 -10.13 -6.74
CA LEU A 48 8.58 -10.20 -8.20
C LEU A 48 9.63 -9.32 -8.87
N LEU A 49 10.04 -8.24 -8.21
CA LEU A 49 10.99 -7.30 -8.82
C LEU A 49 12.31 -7.99 -9.17
N SER A 50 12.88 -8.74 -8.22
CA SER A 50 14.16 -9.38 -8.51
C SER A 50 14.05 -10.45 -9.58
N ARG A 51 12.85 -10.94 -9.88
CA ARG A 51 12.66 -11.91 -10.96
C ARG A 51 12.63 -11.25 -12.34
N CYS A 52 12.55 -9.93 -12.42
CA CYS A 52 12.51 -9.21 -13.69
C CYS A 52 13.84 -8.56 -14.01
N HIS A 53 14.13 -8.41 -15.31
CA HIS A 53 15.23 -7.56 -15.75
C HIS A 53 14.75 -6.11 -15.86
N ARG A 54 15.49 -5.20 -15.25
CA ARG A 54 15.09 -3.79 -15.25
C ARG A 54 15.44 -3.15 -16.60
N ILE A 55 14.43 -2.62 -17.29
CA ILE A 55 14.63 -1.88 -18.54
C ILE A 55 14.68 -0.40 -18.19
N PRO A 56 15.69 0.35 -18.66
CA PRO A 56 15.79 1.76 -18.26
C PRO A 56 14.73 2.62 -18.91
N ALA A 57 14.31 3.65 -18.18
CA ALA A 57 13.49 4.69 -18.78
C ALA A 57 14.34 5.58 -19.67
N ARG A 58 13.68 6.29 -20.57
CA ARG A 58 14.33 7.32 -21.37
C ARG A 58 13.26 8.30 -21.84
N LEU A 59 13.71 9.45 -22.33
CA LEU A 59 12.80 10.41 -22.93
C LEU A 59 12.47 10.02 -24.36
N ALA A 60 11.18 10.02 -24.70
CA ALA A 60 10.79 10.05 -26.10
C ALA A 60 11.35 11.31 -26.76
N THR A 61 11.69 11.20 -28.04
CA THR A 61 12.07 12.39 -28.81
C THR A 61 10.84 13.06 -29.43
N GLU A 62 11.02 14.30 -29.85
CA GLU A 62 9.92 15.00 -30.51
C GLU A 62 9.60 14.35 -31.85
N GLU A 63 10.60 13.77 -32.52
CA GLU A 63 10.33 13.04 -33.76
C GLU A 63 9.50 11.80 -33.48
N GLU A 64 9.76 11.12 -32.37
CA GLU A 64 8.94 9.99 -31.97
C GLU A 64 7.50 10.43 -31.63
N LEU A 65 7.35 11.52 -30.87
CA LEU A 65 6.00 12.02 -30.59
C LEU A 65 5.23 12.30 -31.88
N ALA A 66 5.94 12.76 -32.92
CA ALA A 66 5.29 13.10 -34.18
C ALA A 66 4.79 11.87 -34.94
N LEU A 67 5.09 10.67 -34.46
CA LEU A 67 4.52 9.48 -35.08
C LEU A 67 3.00 9.49 -34.95
N CYS A 68 2.48 10.08 -33.88
CA CYS A 68 1.05 10.14 -33.62
C CYS A 68 0.49 11.54 -33.38
N HIS A 69 1.31 12.54 -33.02
CA HIS A 69 0.80 13.83 -32.62
C HIS A 69 1.25 14.94 -33.56
N SER A 70 0.44 16.00 -33.63
CA SER A 70 0.74 17.17 -34.44
C SER A 70 1.84 18.00 -33.78
N SER A 71 2.56 18.76 -34.62
CA SER A 71 3.62 19.60 -34.07
C SER A 71 3.06 20.70 -33.17
N LYS A 72 1.83 21.16 -33.42
CA LYS A 72 1.23 22.15 -32.53
C LYS A 72 1.01 21.55 -31.14
N HIS A 73 0.42 20.36 -31.08
CA HIS A 73 0.17 19.73 -29.79
C HIS A 73 1.47 19.49 -29.03
N ILE A 74 2.49 18.96 -29.72
CA ILE A 74 3.79 18.79 -29.08
C ILE A 74 4.31 20.12 -28.55
N SER A 75 4.22 21.17 -29.38
CA SER A 75 4.79 22.45 -29.01
C SER A 75 4.12 23.04 -27.77
N ILE A 76 2.79 22.89 -27.66
CA ILE A 76 2.06 23.48 -26.54
C ILE A 76 2.40 22.76 -25.23
N ILE A 77 2.36 21.43 -25.24
CA ILE A 77 2.69 20.70 -24.01
C ILE A 77 4.15 20.95 -23.63
N LYS A 78 5.04 21.04 -24.63
CA LYS A 78 6.44 21.36 -24.35
C LYS A 78 6.57 22.70 -23.65
N SER A 79 5.81 23.70 -24.10
CA SER A 79 5.91 25.04 -23.51
C SER A 79 5.45 25.07 -22.06
N SER A 80 4.62 24.11 -21.63
CA SER A 80 4.11 24.14 -20.27
C SER A 80 5.22 23.94 -19.26
N GLU A 81 6.36 23.36 -19.67
CA GLU A 81 7.49 23.20 -18.75
C GLU A 81 7.96 24.55 -18.21
N HIS A 82 7.78 25.64 -18.95
CA HIS A 82 8.28 26.94 -18.53
C HIS A 82 7.17 27.91 -18.12
N MET A 83 5.96 27.41 -17.89
CA MET A 83 4.81 28.27 -17.59
C MET A 83 4.73 28.60 -16.11
N LYS A 84 4.27 29.82 -15.82
CA LYS A 84 3.93 30.24 -14.48
C LYS A 84 2.63 29.55 -14.02
N PRO A 85 2.42 29.42 -12.70
CA PRO A 85 1.23 28.68 -12.22
C PRO A 85 -0.09 29.13 -12.81
N ARG A 86 -0.30 30.44 -12.94
CA ARG A 86 -1.55 30.91 -13.54
C ARG A 86 -1.73 30.38 -14.95
N ASP A 87 -0.64 30.30 -15.73
CA ASP A 87 -0.74 29.79 -17.09
C ASP A 87 -0.91 28.28 -17.15
N LEU A 88 -0.29 27.55 -16.21
CA LEU A 88 -0.54 26.11 -16.11
C LEU A 88 -2.01 25.83 -15.83
N ASN A 89 -2.62 26.63 -14.96
CA ASN A 89 -4.03 26.43 -14.66
C ASN A 89 -4.89 26.72 -15.87
N ARG A 90 -4.58 27.82 -16.57
CA ARG A 90 -5.39 28.21 -17.72
C ARG A 90 -5.22 27.21 -18.86
N LEU A 91 -3.99 26.72 -19.09
CA LEU A 91 -3.79 25.72 -20.13
C LEU A 91 -4.51 24.42 -19.77
N GLY A 92 -4.35 23.94 -18.54
CA GLY A 92 -5.04 22.74 -18.12
C GLY A 92 -6.55 22.83 -18.33
N ASP A 93 -7.14 23.99 -18.00
CA ASP A 93 -8.57 24.19 -18.16
C ASP A 93 -9.02 24.22 -19.62
N GLU A 94 -8.10 24.33 -20.58
CA GLU A 94 -8.49 24.26 -21.99
C GLU A 94 -8.79 22.83 -22.44
N TYR A 95 -8.44 21.83 -21.65
CA TYR A 95 -8.62 20.44 -21.98
C TYR A 95 -9.72 19.82 -21.12
N ASN A 96 -10.23 18.68 -21.57
CA ASN A 96 -11.13 17.86 -20.78
C ASN A 96 -10.31 17.10 -19.75
N SER A 97 -10.48 17.45 -18.47
CA SER A 97 -9.93 16.69 -17.34
C SER A 97 -8.41 16.54 -17.40
N ILE A 98 -7.72 17.68 -17.30
CA ILE A 98 -6.27 17.75 -17.34
C ILE A 98 -5.77 18.71 -16.26
N PHE A 99 -4.78 18.28 -15.48
CA PHE A 99 -3.98 19.17 -14.64
C PHE A 99 -2.53 19.12 -15.13
N ILE A 100 -1.81 20.23 -14.96
CA ILE A 100 -0.44 20.34 -15.46
C ILE A 100 0.43 20.99 -14.40
N SER A 101 1.66 20.47 -14.25
CA SER A 101 2.74 21.11 -13.52
C SER A 101 3.94 21.28 -14.46
N ASN A 102 5.00 21.94 -13.97
CA ASN A 102 6.13 22.19 -14.84
C ASN A 102 6.86 20.91 -15.24
N GLU A 103 6.64 19.82 -14.51
CA GLU A 103 7.27 18.53 -14.75
C GLU A 103 6.46 17.61 -15.66
N SER A 104 5.26 18.03 -16.06
CA SER A 104 4.33 17.11 -16.72
C SER A 104 4.87 16.66 -18.07
N TYR A 105 5.39 17.59 -18.86
CA TYR A 105 5.94 17.26 -20.16
C TYR A 105 7.05 16.21 -20.02
N THR A 106 7.98 16.43 -19.10
CA THR A 106 9.06 15.48 -18.90
C THR A 106 8.53 14.10 -18.53
N CYS A 107 7.54 14.03 -17.63
CA CYS A 107 7.00 12.73 -17.23
C CYS A 107 6.29 12.04 -18.38
N ALA A 108 5.56 12.79 -19.20
CA ALA A 108 4.93 12.20 -20.38
C ALA A 108 5.97 11.66 -21.35
N LEU A 109 7.08 12.39 -21.53
CA LEU A 109 8.16 11.89 -22.38
C LEU A 109 8.77 10.62 -21.82
N LEU A 110 8.94 10.57 -20.49
CA LEU A 110 9.51 9.39 -19.84
C LEU A 110 8.57 8.19 -19.93
N ALA A 111 7.26 8.41 -19.81
CA ALA A 111 6.34 7.29 -19.90
C ALA A 111 6.40 6.65 -21.29
N ALA A 112 6.42 7.48 -22.33
CA ALA A 112 6.49 6.96 -23.69
C ALA A 112 7.84 6.29 -23.97
N GLY A 113 8.93 6.97 -23.62
CA GLY A 113 10.25 6.41 -23.88
C GLY A 113 10.49 5.12 -23.14
N SER A 114 9.93 4.99 -21.94
CA SER A 114 9.99 3.74 -21.19
C SER A 114 9.36 2.62 -22.00
N CYS A 115 8.20 2.89 -22.59
CA CYS A 115 7.51 1.86 -23.37
C CYS A 115 8.22 1.58 -24.69
N PHE A 116 8.86 2.58 -25.29
CA PHE A 116 9.64 2.32 -26.50
C PHE A 116 10.79 1.36 -26.18
N ASN A 117 11.52 1.62 -25.10
CA ASN A 117 12.62 0.74 -24.69
C ASN A 117 12.12 -0.67 -24.40
N SER A 118 10.93 -0.79 -23.80
CA SER A 118 10.38 -2.11 -23.51
C SER A 118 9.99 -2.84 -24.79
N ALA A 119 9.30 -2.16 -25.71
CA ALA A 119 8.98 -2.79 -26.99
C ALA A 119 10.24 -3.19 -27.77
N GLN A 120 11.27 -2.34 -27.75
CA GLN A 120 12.53 -2.71 -28.41
C GLN A 120 13.16 -3.94 -27.77
N ALA A 121 13.14 -4.03 -26.45
CA ALA A 121 13.69 -5.20 -25.77
C ALA A 121 12.94 -6.47 -26.18
N ILE A 122 11.63 -6.37 -26.38
CA ILE A 122 10.84 -7.52 -26.79
C ILE A 122 11.13 -7.87 -28.25
N LEU A 123 11.18 -6.85 -29.11
CA LEU A 123 11.30 -7.11 -30.55
C LEU A 123 12.71 -7.51 -30.95
N THR A 124 13.72 -7.22 -30.12
CA THR A 124 15.07 -7.71 -30.36
C THR A 124 15.34 -9.05 -29.69
N GLY A 125 14.35 -9.63 -29.03
CA GLY A 125 14.55 -10.90 -28.34
C GLY A 125 15.33 -10.82 -27.05
N GLN A 126 15.54 -9.62 -26.50
CA GLN A 126 16.25 -9.51 -25.23
C GLN A 126 15.39 -9.93 -24.05
N VAL A 127 14.08 -9.69 -24.11
CA VAL A 127 13.12 -10.20 -23.15
C VAL A 127 11.97 -10.83 -23.93
N ARG A 128 11.24 -11.72 -23.27
CA ARG A 128 10.06 -12.32 -23.86
C ARG A 128 8.86 -11.38 -23.74
N ASN A 129 8.75 -10.68 -22.61
CA ASN A 129 7.60 -9.84 -22.35
C ASN A 129 8.01 -8.77 -21.34
N ALA A 130 7.11 -7.83 -21.06
CA ALA A 130 7.52 -6.78 -20.14
C ALA A 130 6.32 -6.05 -19.56
N VAL A 131 6.59 -5.32 -18.48
CA VAL A 131 5.60 -4.54 -17.77
C VAL A 131 6.14 -3.13 -17.58
N ALA A 132 5.28 -2.12 -17.77
CA ALA A 132 5.69 -0.71 -17.74
C ALA A 132 4.86 0.02 -16.70
N ILE A 133 5.49 0.40 -15.59
CA ILE A 133 4.81 1.08 -14.47
C ILE A 133 5.03 2.58 -14.69
N VAL A 134 4.11 3.21 -15.41
CA VAL A 134 4.34 4.54 -15.96
C VAL A 134 3.13 5.42 -15.70
N ARG A 135 3.39 6.72 -15.62
CA ARG A 135 2.36 7.75 -15.54
C ARG A 135 2.98 9.05 -16.04
N PRO A 136 2.17 10.00 -16.51
CA PRO A 136 0.70 10.00 -16.69
C PRO A 136 0.26 8.99 -17.73
N PRO A 137 -1.02 8.61 -17.72
CA PRO A 137 -1.54 7.67 -18.73
C PRO A 137 -1.61 8.25 -20.14
N GLY A 138 -2.09 7.45 -21.09
CA GLY A 138 -2.04 7.89 -22.48
C GLY A 138 -3.24 7.70 -23.37
N HIS A 139 -4.15 6.76 -23.08
CA HIS A 139 -5.04 6.30 -24.15
C HIS A 139 -6.16 7.30 -24.49
N HIS A 140 -6.39 8.33 -23.68
CA HIS A 140 -7.31 9.39 -24.06
C HIS A 140 -6.65 10.47 -24.92
N ALA A 141 -5.32 10.51 -24.98
CA ALA A 141 -4.65 11.54 -25.76
C ALA A 141 -4.90 11.35 -27.25
N GLU A 142 -5.19 12.46 -27.92
CA GLU A 142 -5.47 12.48 -29.35
C GLU A 142 -4.28 13.05 -30.12
N LYS A 143 -4.35 12.96 -31.45
CA LYS A 143 -3.34 13.57 -32.29
C LYS A 143 -3.08 15.02 -31.90
N ASP A 144 -4.15 15.79 -31.68
CA ASP A 144 -4.05 17.24 -31.53
C ASP A 144 -4.29 17.73 -30.10
N THR A 145 -4.56 16.85 -29.14
CA THR A 145 -5.02 17.40 -27.86
C THR A 145 -4.80 16.41 -26.72
N ALA A 146 -4.62 16.97 -25.52
CA ALA A 146 -4.61 16.20 -24.29
C ALA A 146 -6.03 15.99 -23.79
N CYS A 147 -6.22 14.95 -22.99
CA CYS A 147 -7.56 14.61 -22.51
C CYS A 147 -7.44 13.60 -21.37
N GLY A 148 -8.29 13.77 -20.35
CA GLY A 148 -8.48 12.73 -19.36
C GLY A 148 -7.21 12.21 -18.72
N PHE A 149 -6.40 13.13 -18.18
CA PHE A 149 -5.14 12.86 -17.48
C PHE A 149 -4.02 12.42 -18.42
N CYS A 150 -4.25 12.41 -19.73
CA CYS A 150 -3.31 11.92 -20.73
C CYS A 150 -2.79 13.05 -21.61
N PHE A 151 -1.48 13.11 -21.82
CA PHE A 151 -0.86 14.13 -22.66
C PHE A 151 -0.46 13.60 -24.02
N PHE A 152 0.23 12.46 -24.07
CA PHE A 152 0.61 11.79 -25.31
C PHE A 152 0.15 10.35 -25.21
N ASN A 153 -0.17 9.75 -26.37
CA ASN A 153 -0.78 8.43 -26.37
C ASN A 153 0.32 7.38 -26.41
N THR A 154 0.75 7.00 -25.21
CA THR A 154 1.90 6.11 -25.02
C THR A 154 1.74 4.79 -25.76
N ALA A 155 0.55 4.16 -25.67
CA ALA A 155 0.37 2.87 -26.34
C ALA A 155 0.36 3.01 -27.85
N ALA A 156 -0.31 4.05 -28.37
CA ALA A 156 -0.32 4.28 -29.80
C ALA A 156 1.08 4.61 -30.31
N LEU A 157 1.80 5.47 -29.58
CA LEU A 157 3.17 5.80 -29.95
C LEU A 157 4.06 4.56 -29.96
N THR A 158 3.88 3.69 -28.96
CA THR A 158 4.67 2.49 -28.87
C THR A 158 4.41 1.56 -30.06
N ALA A 159 3.15 1.46 -30.50
CA ALA A 159 2.85 0.66 -31.69
C ALA A 159 3.55 1.23 -32.92
N ARG A 160 3.54 2.55 -33.10
CA ARG A 160 4.23 3.14 -34.25
C ARG A 160 5.74 3.03 -34.09
N TYR A 161 6.24 3.20 -32.87
CA TYR A 161 7.68 2.99 -32.67
C TYR A 161 8.07 1.56 -33.02
N ALA A 162 7.26 0.57 -32.61
CA ALA A 162 7.55 -0.82 -32.96
C ALA A 162 7.64 -1.00 -34.47
N GLN A 163 6.68 -0.44 -35.22
CA GLN A 163 6.74 -0.54 -36.67
C GLN A 163 7.97 0.16 -37.24
N SER A 164 8.41 1.25 -36.59
CA SER A 164 9.55 2.01 -37.10
C SER A 164 10.86 1.24 -36.98
N ILE A 165 10.96 0.32 -36.03
CA ILE A 165 12.19 -0.47 -35.87
C ILE A 165 12.06 -1.87 -36.45
N THR A 166 10.92 -2.22 -37.06
CA THR A 166 10.78 -3.54 -37.64
C THR A 166 10.37 -3.42 -39.10
N ARG A 167 9.08 -3.50 -39.40
CA ARG A 167 8.60 -3.09 -40.71
C ARG A 167 7.32 -2.30 -40.52
N GLU A 168 7.05 -1.41 -41.48
CA GLU A 168 5.96 -0.45 -41.30
C GLU A 168 4.64 -1.13 -41.06
N SER A 169 4.43 -2.33 -41.62
CA SER A 169 3.16 -3.04 -41.52
C SER A 169 3.14 -4.10 -40.43
N LEU A 170 4.08 -4.07 -39.48
CA LEU A 170 4.06 -5.00 -38.35
C LEU A 170 2.69 -5.00 -37.67
N ARG A 171 2.13 -6.19 -37.47
CA ARG A 171 0.78 -6.33 -36.94
C ARG A 171 0.83 -6.18 -35.41
N VAL A 172 0.24 -5.10 -34.90
CA VAL A 172 0.23 -4.82 -33.47
C VAL A 172 -1.21 -4.88 -32.99
N LEU A 173 -1.45 -5.68 -31.97
CA LEU A 173 -2.74 -5.72 -31.28
C LEU A 173 -2.64 -4.89 -30.01
N ILE A 174 -3.59 -3.96 -29.82
CA ILE A 174 -3.71 -3.20 -28.58
C ILE A 174 -4.99 -3.66 -27.91
N VAL A 175 -4.85 -4.31 -26.75
CA VAL A 175 -5.99 -4.69 -25.93
C VAL A 175 -6.07 -3.68 -24.80
N ASP A 176 -7.20 -2.98 -24.72
CA ASP A 176 -7.39 -1.87 -23.78
C ASP A 176 -8.44 -2.31 -22.78
N TRP A 177 -8.01 -2.74 -21.60
CA TRP A 177 -8.94 -3.20 -20.57
C TRP A 177 -9.14 -2.18 -19.45
N ASP A 178 -8.57 -0.99 -19.60
CA ASP A 178 -8.98 0.15 -18.79
C ASP A 178 -10.51 0.27 -18.84
N VAL A 179 -11.12 0.72 -17.74
CA VAL A 179 -12.58 0.74 -17.68
C VAL A 179 -13.14 1.77 -18.66
N HIS A 180 -12.35 2.75 -19.07
CA HIS A 180 -12.79 3.78 -20.00
C HIS A 180 -12.38 3.41 -21.42
N HIS A 181 -13.15 3.92 -22.38
CA HIS A 181 -12.81 3.77 -23.79
C HIS A 181 -11.54 4.57 -24.09
N GLY A 182 -10.61 3.96 -24.81
CA GLY A 182 -9.45 4.73 -25.27
C GLY A 182 -9.75 5.51 -26.53
N ASN A 183 -10.40 6.67 -26.41
CA ASN A 183 -10.84 7.40 -27.59
C ASN A 183 -9.67 7.83 -28.46
N GLY A 184 -8.55 8.20 -27.85
CA GLY A 184 -7.40 8.61 -28.63
C GLY A 184 -6.80 7.45 -29.41
N THR A 185 -6.73 6.28 -28.79
CA THR A 185 -6.18 5.13 -29.50
C THR A 185 -7.08 4.72 -30.66
N GLN A 186 -8.39 4.66 -30.43
CA GLN A 186 -9.30 4.32 -31.52
C GLN A 186 -9.12 5.27 -32.69
N HIS A 187 -9.10 6.59 -32.41
CA HIS A 187 -9.06 7.56 -33.50
C HIS A 187 -7.74 7.51 -34.25
N ILE A 188 -6.64 7.34 -33.53
CA ILE A 188 -5.31 7.31 -34.16
C ILE A 188 -5.22 6.17 -35.17
N PHE A 189 -5.84 5.03 -34.87
CA PHE A 189 -5.72 3.85 -35.73
C PHE A 189 -7.00 3.51 -36.49
N GLU A 190 -8.01 4.38 -36.47
CA GLU A 190 -9.32 4.01 -36.98
C GLU A 190 -9.28 3.64 -38.46
N GLU A 191 -8.39 4.27 -39.24
CA GLU A 191 -8.23 3.98 -40.66
C GLU A 191 -7.06 3.04 -40.94
N ASP A 192 -6.70 2.20 -39.98
CA ASP A 192 -5.47 1.42 -40.10
C ASP A 192 -5.76 -0.06 -39.85
N ASP A 193 -5.31 -0.90 -40.78
CA ASP A 193 -5.44 -2.35 -40.62
C ASP A 193 -4.21 -2.99 -39.98
N SER A 194 -3.12 -2.23 -39.77
CA SER A 194 -1.93 -2.81 -39.17
C SER A 194 -1.97 -2.82 -37.65
N VAL A 195 -2.85 -2.04 -37.05
CA VAL A 195 -2.98 -1.98 -35.60
C VAL A 195 -4.42 -2.32 -35.25
N LEU A 196 -4.63 -3.49 -34.66
CA LEU A 196 -5.96 -3.94 -34.25
C LEU A 196 -6.22 -3.39 -32.85
N TYR A 197 -7.28 -2.58 -32.71
CA TYR A 197 -7.64 -1.99 -31.42
C TYR A 197 -8.86 -2.73 -30.88
N ILE A 198 -8.72 -3.33 -29.69
CA ILE A 198 -9.84 -3.96 -29.00
C ILE A 198 -9.97 -3.32 -27.63
N SER A 199 -11.12 -2.73 -27.36
CA SER A 199 -11.38 -2.09 -26.08
C SER A 199 -12.58 -2.73 -25.40
N LEU A 200 -12.45 -2.99 -24.09
CA LEU A 200 -13.59 -3.30 -23.24
C LEU A 200 -13.78 -2.11 -22.31
N HIS A 201 -15.02 -1.65 -22.16
CA HIS A 201 -15.20 -0.43 -21.37
C HIS A 201 -16.63 -0.31 -20.87
N ARG A 202 -16.76 0.30 -19.70
CA ARG A 202 -18.06 0.78 -19.27
C ARG A 202 -18.54 1.88 -20.20
N TYR A 203 -19.77 1.75 -20.69
CA TYR A 203 -20.31 2.63 -21.71
C TYR A 203 -21.59 3.33 -21.26
N GLU A 204 -22.56 2.58 -20.73
CA GLU A 204 -23.84 3.10 -20.24
C GLU A 204 -24.50 4.00 -21.29
N ASP A 205 -24.62 3.44 -22.51
CA ASP A 205 -25.27 4.12 -23.63
C ASP A 205 -24.69 5.51 -23.89
N GLY A 206 -23.38 5.63 -23.75
CA GLY A 206 -22.69 6.87 -24.03
C GLY A 206 -22.61 7.84 -22.88
N ALA A 207 -23.14 7.47 -21.71
CA ALA A 207 -23.18 8.39 -20.57
C ALA A 207 -21.93 8.34 -19.72
N PHE A 208 -21.17 7.25 -19.76
CA PHE A 208 -19.95 7.12 -18.95
C PHE A 208 -18.79 7.81 -19.65
N PHE A 209 -17.92 8.44 -18.87
CA PHE A 209 -16.73 9.07 -19.42
C PHE A 209 -16.01 8.12 -20.37
N PRO A 210 -15.54 8.58 -21.55
CA PRO A 210 -15.46 9.98 -22.02
C PRO A 210 -16.70 10.50 -22.78
N ASN A 211 -17.85 9.86 -22.57
CA ASN A 211 -19.16 10.42 -22.93
C ASN A 211 -19.37 10.56 -24.43
N SER A 212 -18.83 9.63 -25.22
CA SER A 212 -18.96 9.71 -26.68
C SER A 212 -19.52 8.41 -27.21
N GLU A 213 -20.43 8.51 -28.18
CA GLU A 213 -20.91 7.29 -28.81
C GLU A 213 -19.87 6.68 -29.77
N ASP A 214 -18.70 7.30 -29.91
CA ASP A 214 -17.60 6.66 -30.62
C ASP A 214 -17.23 5.31 -30.01
N ALA A 215 -17.62 5.09 -28.75
CA ALA A 215 -17.23 3.89 -28.02
C ALA A 215 -18.20 2.73 -28.21
N ASN A 216 -19.26 2.90 -29.00
CA ASN A 216 -20.23 1.83 -29.13
C ASN A 216 -19.72 0.72 -30.05
N TYR A 217 -20.41 -0.43 -30.01
CA TYR A 217 -19.96 -1.61 -30.74
C TYR A 217 -20.05 -1.46 -32.24
N ASP A 218 -20.82 -0.50 -32.74
CA ASP A 218 -20.98 -0.37 -34.18
C ASP A 218 -19.87 0.43 -34.84
N LYS A 219 -18.91 0.95 -34.09
CA LYS A 219 -17.76 1.64 -34.68
C LYS A 219 -16.71 0.58 -34.95
N VAL A 220 -16.62 0.12 -36.20
CA VAL A 220 -15.77 -1.02 -36.55
C VAL A 220 -14.50 -0.61 -37.29
N GLY A 221 -14.28 0.67 -37.51
CA GLY A 221 -13.14 1.15 -38.28
C GLY A 221 -13.56 1.74 -39.62
N LEU A 222 -12.60 2.43 -40.24
CA LEU A 222 -12.84 3.20 -41.46
C LEU A 222 -11.82 2.85 -42.55
N GLY A 223 -12.25 2.97 -43.81
CA GLY A 223 -11.33 2.75 -44.92
C GLY A 223 -10.71 1.36 -44.88
N LYS A 224 -9.40 1.30 -45.08
CA LYS A 224 -8.73 0.01 -44.98
C LYS A 224 -8.78 -0.59 -43.58
N GLY A 225 -9.12 0.21 -42.56
CA GLY A 225 -9.24 -0.26 -41.19
C GLY A 225 -10.59 -0.83 -40.83
N ARG A 226 -11.51 -1.01 -41.78
CA ARG A 226 -12.81 -1.56 -41.44
C ARG A 226 -12.66 -2.99 -40.90
N GLY A 227 -13.22 -3.21 -39.71
CA GLY A 227 -13.08 -4.47 -39.01
C GLY A 227 -11.93 -4.53 -38.02
N TYR A 228 -11.07 -3.51 -37.98
CA TYR A 228 -9.88 -3.53 -37.13
C TYR A 228 -10.04 -2.60 -35.92
N ASN A 229 -11.29 -2.31 -35.55
CA ASN A 229 -11.62 -1.58 -34.33
C ASN A 229 -12.78 -2.30 -33.67
N VAL A 230 -12.56 -2.84 -32.46
CA VAL A 230 -13.50 -3.71 -31.79
C VAL A 230 -13.82 -3.09 -30.43
N ASN A 231 -15.01 -2.52 -30.31
CA ASN A 231 -15.49 -1.91 -29.06
C ASN A 231 -16.44 -2.88 -28.36
N ILE A 232 -16.15 -3.19 -27.10
CA ILE A 232 -16.95 -4.11 -26.30
C ILE A 232 -17.55 -3.28 -25.16
N PRO A 233 -18.72 -2.68 -25.36
CA PRO A 233 -19.26 -1.73 -24.39
C PRO A 233 -20.21 -2.38 -23.40
N TRP A 234 -20.02 -2.08 -22.12
CA TRP A 234 -20.83 -2.65 -21.05
C TRP A 234 -21.94 -1.67 -20.67
N ASN A 235 -23.14 -2.20 -20.44
CA ASN A 235 -24.28 -1.40 -20.03
C ASN A 235 -25.02 -2.11 -18.90
N GLY A 236 -25.48 -1.33 -17.93
CA GLY A 236 -26.38 -1.80 -16.90
C GLY A 236 -25.89 -3.02 -16.14
N GLY A 237 -24.74 -2.89 -15.49
CA GLY A 237 -24.19 -4.00 -14.75
C GLY A 237 -22.85 -3.67 -14.10
N LYS A 238 -22.65 -4.19 -12.88
CA LYS A 238 -21.35 -4.12 -12.21
C LYS A 238 -20.53 -5.31 -12.69
N MET A 239 -19.84 -5.12 -13.80
CA MET A 239 -19.18 -6.23 -14.45
C MET A 239 -17.95 -6.66 -13.67
N GLY A 240 -17.58 -7.93 -13.82
CA GLY A 240 -16.44 -8.49 -13.12
C GLY A 240 -15.83 -9.64 -13.88
N ASP A 241 -15.19 -10.55 -13.15
CA ASP A 241 -14.45 -11.64 -13.79
C ASP A 241 -15.28 -12.46 -14.78
N PRO A 242 -16.51 -12.90 -14.46
CA PRO A 242 -17.23 -13.74 -15.43
C PRO A 242 -17.47 -13.04 -16.74
N GLU A 243 -17.75 -11.74 -16.68
CA GLU A 243 -18.08 -10.97 -17.87
C GLU A 243 -16.83 -10.71 -18.72
N TYR A 244 -15.70 -10.43 -18.07
CA TYR A 244 -14.48 -10.23 -18.85
C TYR A 244 -13.99 -11.54 -19.44
N MET A 245 -14.13 -12.65 -18.69
CA MET A 245 -13.75 -13.95 -19.25
C MET A 245 -14.63 -14.32 -20.44
N ALA A 246 -15.94 -14.05 -20.34
CA ALA A 246 -16.83 -14.34 -21.46
C ALA A 246 -16.46 -13.52 -22.69
N ALA A 247 -16.15 -12.23 -22.50
CA ALA A 247 -15.76 -11.39 -23.64
C ALA A 247 -14.47 -11.89 -24.27
N PHE A 248 -13.53 -12.36 -23.44
CA PHE A 248 -12.28 -12.88 -23.99
C PHE A 248 -12.51 -14.18 -24.75
N HIS A 249 -13.39 -15.03 -24.25
CA HIS A 249 -13.63 -16.32 -24.90
C HIS A 249 -14.34 -16.14 -26.23
N HIS A 250 -15.37 -15.30 -26.28
CA HIS A 250 -16.21 -15.16 -27.47
C HIS A 250 -15.70 -14.16 -28.50
N LEU A 251 -14.90 -13.17 -28.09
CA LEU A 251 -14.53 -12.07 -28.97
C LEU A 251 -13.03 -11.83 -29.01
N VAL A 252 -12.44 -11.48 -27.86
CA VAL A 252 -11.07 -10.98 -27.86
C VAL A 252 -10.11 -12.02 -28.41
N MET A 253 -10.22 -13.27 -27.95
CA MET A 253 -9.20 -14.24 -28.34
C MET A 253 -9.42 -14.82 -29.75
N PRO A 254 -10.66 -15.12 -30.16
CA PRO A 254 -10.83 -15.55 -31.57
C PRO A 254 -10.42 -14.49 -32.57
N ILE A 255 -10.74 -13.23 -32.30
CA ILE A 255 -10.33 -12.15 -33.21
C ILE A 255 -8.82 -12.00 -33.21
N ALA A 256 -8.22 -11.97 -32.01
CA ALA A 256 -6.77 -11.82 -31.92
C ALA A 256 -6.04 -12.95 -32.63
N ARG A 257 -6.51 -14.19 -32.47
CA ARG A 257 -5.82 -15.30 -33.12
C ARG A 257 -5.92 -15.20 -34.63
N GLU A 258 -7.06 -14.75 -35.13
CA GLU A 258 -7.21 -14.60 -36.57
C GLU A 258 -6.32 -13.47 -37.09
N PHE A 259 -6.24 -12.37 -36.33
CA PHE A 259 -5.36 -11.26 -36.69
C PHE A 259 -3.89 -11.68 -36.72
N ALA A 260 -3.50 -12.60 -35.84
CA ALA A 260 -2.13 -13.12 -35.73
C ALA A 260 -1.13 -11.98 -35.49
N PRO A 261 -1.25 -11.27 -34.37
CA PRO A 261 -0.34 -10.15 -34.10
C PRO A 261 1.11 -10.59 -33.97
N GLU A 262 2.01 -9.67 -34.31
CA GLU A 262 3.44 -9.85 -34.05
C GLU A 262 3.87 -9.16 -32.76
N LEU A 263 2.99 -8.39 -32.13
CA LEU A 263 3.26 -7.77 -30.84
C LEU A 263 1.93 -7.43 -30.22
N VAL A 264 1.81 -7.64 -28.91
CA VAL A 264 0.61 -7.30 -28.15
C VAL A 264 1.00 -6.22 -27.14
N LEU A 265 0.30 -5.09 -27.19
CA LEU A 265 0.37 -4.08 -26.16
C LEU A 265 -0.94 -4.13 -25.38
N VAL A 266 -0.85 -4.07 -24.06
CA VAL A 266 -2.04 -3.97 -23.22
C VAL A 266 -2.09 -2.55 -22.66
N SER A 267 -3.15 -1.83 -22.98
CA SER A 267 -3.50 -0.58 -22.29
C SER A 267 -4.15 -1.01 -20.99
N ALA A 268 -3.31 -1.19 -19.99
CA ALA A 268 -3.68 -1.88 -18.77
C ALA A 268 -4.03 -0.87 -17.68
N GLY A 269 -5.19 -0.25 -17.84
CA GLY A 269 -5.76 0.46 -16.72
C GLY A 269 -6.38 -0.52 -15.74
N PHE A 270 -6.33 -0.17 -14.46
CA PHE A 270 -6.88 -1.05 -13.43
C PHE A 270 -8.04 -0.38 -12.71
N ASP A 271 -8.77 0.48 -13.42
CA ASP A 271 -9.93 1.12 -12.84
C ASP A 271 -11.20 0.32 -13.03
N ALA A 272 -11.15 -0.86 -13.67
CA ALA A 272 -12.28 -1.77 -13.57
C ALA A 272 -12.16 -2.70 -12.36
N ALA A 273 -11.17 -2.48 -11.51
CA ALA A 273 -10.93 -3.39 -10.40
C ALA A 273 -11.91 -3.12 -9.27
N ARG A 274 -12.24 -4.19 -8.55
CA ARG A 274 -12.94 -4.05 -7.27
C ARG A 274 -12.27 -2.98 -6.42
N GLY A 275 -13.07 -2.05 -5.90
CA GLY A 275 -12.56 -1.01 -5.03
C GLY A 275 -12.20 0.31 -5.69
N ASP A 276 -12.24 0.40 -7.02
CA ASP A 276 -11.89 1.65 -7.68
C ASP A 276 -12.94 2.73 -7.36
N PRO A 277 -12.51 3.97 -7.10
CA PRO A 277 -13.48 5.02 -6.76
C PRO A 277 -14.29 5.53 -7.96
N LEU A 278 -13.87 5.24 -9.20
CA LEU A 278 -14.50 5.80 -10.40
C LEU A 278 -15.15 4.76 -11.30
N GLY A 279 -14.57 3.56 -11.40
CA GLY A 279 -15.04 2.61 -12.41
C GLY A 279 -16.32 1.89 -12.04
N GLY A 280 -16.54 1.63 -10.76
CA GLY A 280 -17.75 0.95 -10.31
C GLY A 280 -17.86 -0.51 -10.65
N PHE A 281 -16.77 -1.17 -11.07
CA PHE A 281 -16.75 -2.57 -11.49
C PHE A 281 -16.03 -3.43 -10.44
N GLN A 282 -15.89 -4.72 -10.70
CA GLN A 282 -15.35 -5.60 -9.67
C GLN A 282 -14.46 -6.71 -10.25
N VAL A 283 -13.67 -6.40 -11.27
CA VAL A 283 -12.65 -7.36 -11.71
C VAL A 283 -11.65 -7.54 -10.57
N THR A 284 -11.25 -8.80 -10.34
CA THR A 284 -10.35 -9.15 -9.24
C THR A 284 -8.91 -9.27 -9.73
N PRO A 285 -7.94 -9.28 -8.82
CA PRO A 285 -6.55 -9.51 -9.27
C PRO A 285 -6.40 -10.85 -9.97
N GLU A 286 -7.13 -11.87 -9.52
CA GLU A 286 -7.13 -13.15 -10.20
C GLU A 286 -7.74 -13.05 -11.58
N GLY A 287 -8.75 -12.21 -11.75
CA GLY A 287 -9.30 -11.98 -13.07
C GLY A 287 -8.26 -11.39 -14.02
N TYR A 288 -7.58 -10.32 -13.59
CA TYR A 288 -6.55 -9.72 -14.42
C TYR A 288 -5.42 -10.71 -14.72
N ALA A 289 -5.12 -11.62 -13.78
CA ALA A 289 -4.10 -12.63 -14.08
C ALA A 289 -4.54 -13.52 -15.24
N HIS A 290 -5.80 -13.95 -15.23
CA HIS A 290 -6.28 -14.83 -16.30
C HIS A 290 -6.33 -14.11 -17.64
N LEU A 291 -6.67 -12.81 -17.65
CA LEU A 291 -6.63 -12.07 -18.91
C LEU A 291 -5.21 -12.01 -19.46
N THR A 292 -4.25 -11.70 -18.60
CA THR A 292 -2.84 -11.71 -19.00
C THR A 292 -2.44 -13.07 -19.56
N HIS A 293 -2.78 -14.14 -18.84
CA HIS A 293 -2.36 -15.48 -19.23
C HIS A 293 -2.89 -15.84 -20.62
N GLN A 294 -4.14 -15.46 -20.91
CA GLN A 294 -4.69 -15.68 -22.24
C GLN A 294 -3.92 -14.91 -23.31
N LEU A 295 -3.60 -13.64 -23.05
CA LEU A 295 -2.92 -12.84 -24.07
C LEU A 295 -1.52 -13.37 -24.34
N MET A 296 -0.90 -14.03 -23.37
CA MET A 296 0.42 -14.60 -23.54
C MET A 296 0.45 -15.73 -24.57
N SER A 297 -0.70 -16.23 -25.00
CA SER A 297 -0.74 -17.24 -26.06
C SER A 297 -0.64 -16.65 -27.47
N LEU A 298 -0.59 -15.33 -27.60
CA LEU A 298 -0.51 -14.64 -28.88
C LEU A 298 0.89 -14.12 -29.12
N ALA A 299 1.21 -13.92 -30.41
CA ALA A 299 2.44 -13.23 -30.83
C ALA A 299 3.70 -13.87 -30.26
N ALA A 300 3.69 -15.20 -30.11
CA ALA A 300 4.81 -15.93 -29.53
C ALA A 300 5.17 -15.39 -28.14
N GLY A 301 4.15 -14.96 -27.38
CA GLY A 301 4.34 -14.45 -26.04
C GLY A 301 4.79 -13.00 -25.95
N ARG A 302 4.93 -12.29 -27.07
CA ARG A 302 5.43 -10.91 -27.06
C ARG A 302 4.36 -9.95 -26.56
N VAL A 303 4.33 -9.70 -25.25
CA VAL A 303 3.28 -8.89 -24.62
C VAL A 303 3.95 -7.80 -23.80
N LEU A 304 3.50 -6.55 -23.98
CA LEU A 304 3.91 -5.42 -23.16
C LEU A 304 2.69 -4.86 -22.45
N ILE A 305 2.71 -4.87 -21.12
CA ILE A 305 1.61 -4.39 -20.28
C ILE A 305 1.93 -2.95 -19.86
N ILE A 306 1.10 -2.00 -20.27
CA ILE A 306 1.34 -0.58 -20.05
C ILE A 306 0.29 -0.04 -19.08
N LEU A 307 0.73 0.50 -17.94
CA LEU A 307 -0.21 1.08 -16.98
C LEU A 307 -0.97 2.24 -17.62
N GLU A 308 -2.29 2.23 -17.50
CA GLU A 308 -3.08 3.40 -17.85
C GLU A 308 -3.68 3.97 -16.57
N GLY A 309 -5.01 3.85 -16.42
CA GLY A 309 -5.70 4.33 -15.24
C GLY A 309 -5.72 3.32 -14.10
N GLY A 310 -6.58 3.61 -13.12
CA GLY A 310 -6.71 2.82 -11.90
C GLY A 310 -6.32 3.64 -10.68
N TYR A 311 -7.25 3.81 -9.73
CA TYR A 311 -7.10 4.85 -8.70
C TYR A 311 -7.29 4.37 -7.26
N ASN A 312 -7.65 3.11 -7.03
CA ASN A 312 -7.51 2.52 -5.70
C ASN A 312 -6.09 1.96 -5.60
N LEU A 313 -5.26 2.59 -4.78
CA LEU A 313 -3.84 2.27 -4.71
C LEU A 313 -3.61 0.80 -4.37
N THR A 314 -4.39 0.24 -3.45
CA THR A 314 -4.25 -1.16 -3.11
C THR A 314 -4.71 -2.04 -4.26
N SER A 315 -5.85 -1.71 -4.87
CA SER A 315 -6.37 -2.56 -5.94
C SER A 315 -5.41 -2.60 -7.12
N ILE A 316 -4.86 -1.43 -7.52
CA ILE A 316 -3.99 -1.44 -8.70
C ILE A 316 -2.67 -2.13 -8.40
N SER A 317 -2.19 -2.02 -7.16
CA SER A 317 -0.94 -2.67 -6.80
C SER A 317 -1.08 -4.18 -6.83
N GLU A 318 -2.16 -4.71 -6.26
CA GLU A 318 -2.38 -6.15 -6.31
C GLU A 318 -2.66 -6.60 -7.73
N SER A 319 -3.41 -5.80 -8.50
CA SER A 319 -3.85 -6.25 -9.81
C SER A 319 -2.68 -6.30 -10.78
N MET A 320 -1.88 -5.23 -10.85
CA MET A 320 -0.77 -5.24 -11.79
C MET A 320 0.28 -6.26 -11.38
N SER A 321 0.52 -6.43 -10.07
CA SER A 321 1.51 -7.42 -9.63
C SER A 321 1.13 -8.83 -10.10
N MET A 322 -0.17 -9.14 -10.04
CA MET A 322 -0.64 -10.44 -10.52
C MET A 322 -0.40 -10.62 -12.02
N CYS A 323 -0.53 -9.54 -12.80
CA CYS A 323 -0.20 -9.63 -14.22
C CYS A 323 1.27 -9.95 -14.44
N THR A 324 2.16 -9.32 -13.67
CA THR A 324 3.58 -9.60 -13.82
C THR A 324 3.90 -11.05 -13.42
N SER A 325 3.24 -11.54 -12.37
CA SER A 325 3.39 -12.94 -11.99
C SER A 325 3.06 -13.88 -13.14
N MET A 326 2.01 -13.55 -13.92
CA MET A 326 1.69 -14.36 -15.08
C MET A 326 2.77 -14.25 -16.16
N LEU A 327 3.19 -13.03 -16.47
CA LEU A 327 4.28 -12.84 -17.45
C LEU A 327 5.51 -13.66 -17.08
N LEU A 328 5.78 -13.81 -15.78
CA LEU A 328 6.94 -14.55 -15.33
C LEU A 328 6.76 -16.06 -15.45
N GLY A 329 5.57 -16.54 -15.78
CA GLY A 329 5.34 -17.96 -15.94
C GLY A 329 4.66 -18.65 -14.79
N ASP A 330 4.20 -17.91 -13.78
CA ASP A 330 3.52 -18.52 -12.65
C ASP A 330 2.16 -19.09 -13.07
N SER A 331 1.69 -20.07 -12.31
CA SER A 331 0.45 -20.74 -12.67
C SER A 331 -0.73 -19.84 -12.35
N PRO A 332 -1.75 -19.82 -13.19
CA PRO A 332 -2.91 -18.94 -12.97
C PRO A 332 -3.64 -19.31 -11.70
N PRO A 333 -4.07 -18.32 -10.92
CA PRO A 333 -4.82 -18.60 -9.69
C PRO A 333 -6.25 -19.03 -9.98
N SER A 334 -6.88 -19.62 -8.96
CA SER A 334 -8.27 -20.06 -9.08
C SER A 334 -9.20 -18.87 -9.28
N LEU A 335 -10.26 -19.08 -10.06
CA LEU A 335 -11.33 -18.11 -10.21
C LEU A 335 -12.58 -18.62 -9.49
N ASP A 336 -13.48 -17.69 -9.18
CA ASP A 336 -14.75 -18.04 -8.54
C ASP A 336 -15.65 -18.82 -9.47
N THR A 339 -20.62 -17.66 -8.90
CA THR A 339 -21.11 -16.36 -9.35
C THR A 339 -21.45 -16.41 -10.84
N PRO A 340 -22.74 -16.27 -11.16
CA PRO A 340 -23.18 -16.45 -12.54
C PRO A 340 -22.91 -15.24 -13.41
N LEU A 341 -22.86 -15.49 -14.72
CA LEU A 341 -22.66 -14.43 -15.70
C LEU A 341 -23.89 -13.53 -15.78
N LYS A 342 -23.64 -12.23 -15.93
CA LYS A 342 -24.73 -11.26 -15.99
C LYS A 342 -25.29 -11.20 -17.41
N THR A 343 -26.61 -11.29 -17.53
CA THR A 343 -27.22 -11.39 -18.86
C THR A 343 -26.99 -10.14 -19.69
N SER A 344 -26.88 -8.97 -19.05
CA SER A 344 -26.58 -7.74 -19.80
C SER A 344 -25.23 -7.84 -20.50
N ALA A 345 -24.28 -8.55 -19.90
CA ALA A 345 -23.02 -8.80 -20.58
C ALA A 345 -23.20 -9.66 -21.82
N THR A 346 -24.06 -10.68 -21.75
CA THR A 346 -24.35 -11.50 -22.92
C THR A 346 -24.95 -10.67 -24.04
N VAL A 347 -25.80 -9.70 -23.69
CA VAL A 347 -26.38 -8.81 -24.70
C VAL A 347 -25.28 -8.02 -25.40
N SER A 348 -24.35 -7.46 -24.63
CA SER A 348 -23.24 -6.72 -25.23
C SER A 348 -22.39 -7.60 -26.13
N ILE A 349 -22.00 -8.79 -25.63
CA ILE A 349 -21.16 -9.68 -26.43
C ILE A 349 -21.84 -10.03 -27.74
N ASN A 350 -23.15 -10.33 -27.69
CA ASN A 350 -23.87 -10.66 -28.91
C ASN A 350 -23.92 -9.48 -29.88
N ASN A 351 -24.00 -8.25 -29.36
CA ASN A 351 -24.00 -7.09 -30.24
C ASN A 351 -22.68 -6.98 -31.01
N VAL A 352 -21.55 -7.22 -30.32
CA VAL A 352 -20.25 -7.15 -30.99
C VAL A 352 -20.10 -8.29 -32.00
N LEU A 353 -20.60 -9.48 -31.65
CA LEU A 353 -20.54 -10.60 -32.60
C LEU A 353 -21.27 -10.27 -33.90
N ARG A 354 -22.44 -9.65 -33.81
CA ARG A 354 -23.15 -9.30 -35.02
C ARG A 354 -22.43 -8.22 -35.81
N ALA A 355 -21.76 -7.30 -35.13
CA ALA A 355 -21.03 -6.22 -35.80
C ALA A 355 -19.75 -6.72 -36.47
N HIS A 356 -19.13 -7.78 -35.93
CA HIS A 356 -17.79 -8.12 -36.39
C HIS A 356 -17.69 -9.47 -37.10
N ALA A 357 -18.68 -10.35 -36.96
CA ALA A 357 -18.72 -11.60 -37.72
C ALA A 357 -18.57 -11.37 -39.23
N PRO A 358 -19.07 -10.28 -39.81
CA PRO A 358 -18.77 -10.03 -41.23
C PRO A 358 -17.29 -9.93 -41.54
N PHE A 359 -16.46 -9.47 -40.59
CA PHE A 359 -15.04 -9.27 -40.86
C PHE A 359 -14.15 -10.41 -40.37
N TRP A 360 -14.62 -11.20 -39.41
CA TRP A 360 -13.78 -12.19 -38.71
C TRP A 360 -14.44 -13.57 -38.80
N SER A 361 -13.89 -14.45 -39.64
CA SER A 361 -14.55 -15.74 -39.85
C SER A 361 -14.53 -16.61 -38.60
N SER A 362 -13.64 -16.33 -37.64
CA SER A 362 -13.64 -17.08 -36.38
C SER A 362 -14.92 -16.87 -35.57
N LEU A 363 -15.68 -15.81 -35.85
CA LEU A 363 -16.89 -15.52 -35.10
C LEU A 363 -18.14 -16.11 -35.74
N ARG A 364 -18.02 -16.82 -36.86
CA ARG A 364 -19.19 -17.25 -37.63
C ARG A 364 -19.72 -18.61 -37.17
N PRO B 8 -18.61 7.75 22.57
CA PRO B 8 -18.73 7.01 21.32
C PRO B 8 -17.75 7.48 20.25
N ILE B 9 -16.81 8.36 20.60
CA ILE B 9 -15.88 8.94 19.63
C ILE B 9 -14.54 8.22 19.72
N THR B 10 -13.96 7.86 18.57
CA THR B 10 -12.60 7.33 18.48
C THR B 10 -11.68 8.42 17.96
N GLY B 11 -10.55 8.65 18.65
CA GLY B 11 -9.57 9.61 18.18
C GLY B 11 -8.50 8.97 17.32
N LEU B 12 -7.89 9.77 16.44
CA LEU B 12 -6.80 9.30 15.58
C LEU B 12 -5.77 10.41 15.49
N VAL B 13 -4.50 10.09 15.76
CA VAL B 13 -3.45 11.07 15.59
C VAL B 13 -2.47 10.55 14.53
N TYR B 14 -2.17 11.42 13.57
CA TYR B 14 -1.22 11.16 12.49
C TYR B 14 -0.67 12.51 12.04
N ASP B 15 0.64 12.59 11.87
CA ASP B 15 1.26 13.82 11.38
C ASP B 15 2.37 13.44 10.41
N GLN B 16 2.28 13.98 9.18
CA GLN B 16 3.24 13.66 8.13
C GLN B 16 4.66 14.07 8.48
N ARG B 17 4.83 14.99 9.43
CA ARG B 17 6.16 15.42 9.83
C ARG B 17 6.96 14.30 10.48
N MET B 18 6.30 13.29 11.04
CA MET B 18 7.06 12.16 11.57
C MET B 18 7.71 11.33 10.47
N MET B 19 7.41 11.58 9.19
CA MET B 19 8.12 10.92 8.11
C MET B 19 9.53 11.46 7.90
N LEU B 20 9.90 12.57 8.56
CA LEU B 20 11.17 13.23 8.26
C LEU B 20 12.36 12.47 8.82
N HIS B 21 12.16 11.72 9.89
CA HIS B 21 13.18 10.83 10.42
C HIS B 21 13.52 9.77 9.38
N HIS B 22 14.80 9.66 9.02
CA HIS B 22 15.15 8.80 7.90
C HIS B 22 16.59 8.35 8.00
N ASN B 23 16.92 7.31 7.24
CA ASN B 23 18.26 6.73 7.19
C ASN B 23 18.96 7.30 5.96
N MET B 24 19.92 8.19 6.17
CA MET B 24 20.49 8.90 5.02
C MET B 24 21.52 8.06 4.26
N TRP B 25 21.89 6.90 4.77
CA TRP B 25 22.83 6.03 4.08
C TRP B 25 22.17 4.81 3.44
N ASP B 26 20.92 4.51 3.81
CA ASP B 26 20.27 3.27 3.40
C ASP B 26 18.78 3.58 3.28
N SER B 27 18.38 3.96 2.05
CA SER B 27 16.99 4.32 1.77
C SER B 27 16.03 3.14 1.87
N HIS B 28 16.53 1.91 1.94
CA HIS B 28 15.69 0.74 2.06
C HIS B 28 15.67 0.15 3.46
N HIS B 29 16.20 0.87 4.46
CA HIS B 29 16.13 0.40 5.84
C HIS B 29 14.67 0.17 6.22
N PRO B 30 14.35 -0.95 6.88
CA PRO B 30 12.93 -1.31 7.05
C PRO B 30 12.11 -0.35 7.90
N GLU B 31 12.71 0.48 8.77
CA GLU B 31 11.93 1.44 9.56
C GLU B 31 11.71 2.70 8.72
N LEU B 32 10.84 2.55 7.72
CA LEU B 32 10.61 3.45 6.58
C LEU B 32 9.67 4.58 6.96
N PRO B 33 9.94 5.79 6.47
CA PRO B 33 8.98 6.88 6.65
C PRO B 33 7.58 6.49 6.20
N GLN B 34 7.47 5.73 5.11
N GLN B 34 7.48 5.71 5.12
CA GLN B 34 6.14 5.38 4.59
CA GLN B 34 6.18 5.33 4.56
C GLN B 34 5.42 4.33 5.43
C GLN B 34 5.41 4.36 5.45
N ARG B 35 6.00 3.84 6.53
CA ARG B 35 5.23 3.00 7.44
C ARG B 35 3.97 3.72 7.92
N ILE B 36 4.11 4.98 8.32
CA ILE B 36 2.94 5.67 8.88
C ILE B 36 2.04 6.20 7.78
N SER B 37 2.59 6.64 6.63
CA SER B 37 1.71 7.12 5.57
C SER B 37 0.93 5.97 4.94
N ARG B 38 1.49 4.76 4.95
CA ARG B 38 0.77 3.64 4.38
C ARG B 38 -0.39 3.22 5.28
N ILE B 39 -0.19 3.23 6.60
CA ILE B 39 -1.28 2.93 7.51
C ILE B 39 -2.37 3.98 7.37
N PHE B 40 -1.97 5.25 7.32
CA PHE B 40 -2.93 6.34 7.16
C PHE B 40 -3.73 6.18 5.87
N SER B 41 -3.02 5.93 4.77
CA SER B 41 -3.67 5.71 3.48
C SER B 41 -4.70 4.58 3.54
N ARG B 42 -4.36 3.46 4.20
CA ARG B 42 -5.31 2.36 4.25
C ARG B 42 -6.56 2.71 5.07
N HIS B 43 -6.41 3.57 6.10
CA HIS B 43 -7.59 4.08 6.81
C HIS B 43 -8.48 4.91 5.88
N GLU B 44 -7.87 5.71 5.01
CA GLU B 44 -8.63 6.48 4.01
C GLU B 44 -9.36 5.55 3.06
N GLU B 45 -8.66 4.55 2.51
CA GLU B 45 -9.27 3.62 1.56
C GLU B 45 -10.46 2.89 2.17
N LEU B 46 -10.36 2.50 3.44
CA LEU B 46 -11.46 1.78 4.09
C LEU B 46 -12.50 2.72 4.64
N ARG B 47 -12.32 4.03 4.44
CA ARG B 47 -13.24 5.06 4.94
C ARG B 47 -13.40 4.97 6.46
N LEU B 48 -12.30 4.63 7.12
CA LEU B 48 -12.19 4.68 8.57
C LEU B 48 -11.80 6.05 9.08
N LEU B 49 -11.06 6.83 8.27
CA LEU B 49 -10.52 8.10 8.74
C LEU B 49 -11.63 9.08 9.12
N SER B 50 -12.65 9.21 8.25
CA SER B 50 -13.72 10.17 8.54
C SER B 50 -14.59 9.75 9.71
N ARG B 51 -14.50 8.50 10.17
CA ARG B 51 -15.24 8.07 11.34
C ARG B 51 -14.55 8.42 12.65
N CYS B 52 -13.31 8.89 12.59
CA CYS B 52 -12.54 9.27 13.77
C CYS B 52 -12.44 10.78 13.90
N HIS B 53 -12.29 11.24 15.14
CA HIS B 53 -11.94 12.62 15.41
C HIS B 53 -10.41 12.75 15.36
N ARG B 54 -9.93 13.73 14.63
CA ARG B 54 -8.49 13.93 14.50
C ARG B 54 -7.93 14.62 15.75
N ILE B 55 -6.98 13.98 16.42
CA ILE B 55 -6.29 14.56 17.58
C ILE B 55 -4.98 15.16 17.08
N PRO B 56 -4.67 16.42 17.41
CA PRO B 56 -3.46 17.04 16.85
C PRO B 56 -2.19 16.51 17.50
N ALA B 57 -1.14 16.39 16.69
CA ALA B 57 0.19 16.11 17.23
C ALA B 57 0.74 17.34 17.94
N ARG B 58 1.68 17.10 18.85
CA ARG B 58 2.48 18.19 19.42
C ARG B 58 3.84 17.63 19.81
N LEU B 59 4.76 18.53 20.08
CA LEU B 59 6.05 18.15 20.64
C LEU B 59 5.93 17.84 22.12
N ALA B 60 6.48 16.70 22.55
CA ALA B 60 6.75 16.53 23.98
C ALA B 60 7.70 17.62 24.47
N THR B 61 7.54 18.03 25.72
CA THR B 61 8.51 18.93 26.32
C THR B 61 9.67 18.14 26.94
N GLU B 62 10.80 18.83 27.15
CA GLU B 62 11.89 18.19 27.85
C GLU B 62 11.49 17.80 29.26
N GLU B 63 10.65 18.61 29.91
CA GLU B 63 10.17 18.26 31.25
C GLU B 63 9.35 16.97 31.22
N GLU B 64 8.55 16.78 30.18
CA GLU B 64 7.79 15.55 30.02
C GLU B 64 8.70 14.37 29.73
N LEU B 65 9.72 14.57 28.89
CA LEU B 65 10.66 13.48 28.62
C LEU B 65 11.33 13.02 29.90
N ALA B 66 11.53 13.94 30.84
CA ALA B 66 12.17 13.59 32.10
C ALA B 66 11.28 12.76 33.01
N LEU B 67 10.03 12.53 32.64
CA LEU B 67 9.21 11.58 33.38
C LEU B 67 9.84 10.20 33.39
N CYS B 68 10.53 9.83 32.30
CA CYS B 68 11.14 8.51 32.19
C CYS B 68 12.63 8.50 31.86
N HIS B 69 13.20 9.56 31.31
CA HIS B 69 14.55 9.53 30.77
C HIS B 69 15.47 10.49 31.52
N SER B 70 16.75 10.14 31.53
CA SER B 70 17.78 10.92 32.19
C SER B 70 18.05 12.21 31.41
N SER B 71 18.57 13.22 32.13
CA SER B 71 18.93 14.46 31.45
C SER B 71 20.03 14.23 30.43
N LYS B 72 20.95 13.31 30.72
CA LYS B 72 22.02 13.02 29.77
C LYS B 72 21.45 12.49 28.46
N HIS B 73 20.53 11.52 28.55
CA HIS B 73 19.96 10.93 27.34
C HIS B 73 19.19 11.95 26.52
N ILE B 74 18.37 12.78 27.19
CA ILE B 74 17.63 13.84 26.50
C ILE B 74 18.59 14.76 25.77
N SER B 75 19.66 15.16 26.46
CA SER B 75 20.60 16.12 25.91
C SER B 75 21.35 15.56 24.70
N ILE B 76 21.73 14.29 24.75
CA ILE B 76 22.48 13.73 23.62
C ILE B 76 21.61 13.64 22.39
N ILE B 77 20.38 13.09 22.52
CA ILE B 77 19.52 13.01 21.34
C ILE B 77 19.17 14.40 20.84
N LYS B 78 18.96 15.35 21.75
CA LYS B 78 18.69 16.73 21.34
C LYS B 78 19.84 17.30 20.52
N SER B 79 21.07 17.01 20.92
CA SER B 79 22.23 17.54 20.22
C SER B 79 22.32 17.04 18.78
N SER B 80 21.71 15.89 18.47
CA SER B 80 21.83 15.32 17.13
C SER B 80 21.13 16.17 16.08
N GLU B 81 20.22 17.06 16.48
CA GLU B 81 19.52 17.92 15.53
C GLU B 81 20.48 18.80 14.75
N HIS B 82 21.67 19.06 15.29
CA HIS B 82 22.61 19.99 14.67
C HIS B 82 23.91 19.32 14.23
N MET B 83 23.95 17.99 14.16
CA MET B 83 25.18 17.28 13.83
C MET B 83 25.34 17.11 12.33
N LYS B 84 26.59 17.12 11.88
CA LYS B 84 26.93 16.80 10.50
C LYS B 84 26.79 15.30 10.25
N PRO B 85 26.62 14.89 8.99
CA PRO B 85 26.38 13.45 8.71
C PRO B 85 27.38 12.50 9.34
N ARG B 86 28.69 12.78 9.24
CA ARG B 86 29.68 11.89 9.86
C ARG B 86 29.42 11.72 11.35
N ASP B 87 29.01 12.79 12.03
CA ASP B 87 28.73 12.69 13.46
C ASP B 87 27.42 11.96 13.74
N LEU B 88 26.41 12.15 12.88
CA LEU B 88 25.16 11.40 13.04
C LEU B 88 25.41 9.90 12.89
N ASN B 89 26.27 9.52 11.93
CA ASN B 89 26.58 8.11 11.75
C ASN B 89 27.31 7.55 12.95
N ARG B 90 28.26 8.31 13.51
CA ARG B 90 29.01 7.81 14.65
C ARG B 90 28.14 7.70 15.89
N LEU B 91 27.29 8.71 16.14
CA LEU B 91 26.39 8.65 17.28
C LEU B 91 25.43 7.48 17.18
N GLY B 92 24.81 7.29 16.01
CA GLY B 92 23.91 6.15 15.84
C GLY B 92 24.60 4.83 16.09
N ASP B 93 25.84 4.68 15.65
CA ASP B 93 26.58 3.44 15.86
C ASP B 93 26.96 3.20 17.31
N GLU B 94 26.82 4.19 18.20
CA GLU B 94 27.05 3.96 19.61
C GLU B 94 25.91 3.20 20.27
N TYR B 95 24.76 3.08 19.61
CA TYR B 95 23.61 2.38 20.17
C TYR B 95 23.43 1.03 19.48
N ASN B 96 22.58 0.21 20.09
CA ASN B 96 22.13 -1.04 19.47
C ASN B 96 21.00 -0.70 18.50
N SER B 97 21.29 -0.83 17.20
CA SER B 97 20.31 -0.75 16.12
C SER B 97 19.59 0.62 16.08
N ILE B 98 20.36 1.67 15.86
CA ILE B 98 19.84 3.04 15.75
C ILE B 98 20.44 3.72 14.53
N PHE B 99 19.60 4.38 13.73
CA PHE B 99 20.05 5.36 12.73
C PHE B 99 19.46 6.72 13.09
N ILE B 100 20.18 7.79 12.76
CA ILE B 100 19.77 9.14 13.16
C ILE B 100 19.93 10.09 11.99
N SER B 101 18.95 10.99 11.83
CA SER B 101 19.04 12.14 10.95
C SER B 101 18.78 13.41 11.78
N ASN B 102 18.94 14.57 11.13
CA ASN B 102 18.78 15.82 11.88
C ASN B 102 17.35 16.03 12.36
N GLU B 103 16.39 15.32 11.77
CA GLU B 103 14.98 15.43 12.12
C GLU B 103 14.55 14.40 13.16
N SER B 104 15.44 13.49 13.55
CA SER B 104 15.05 12.36 14.38
C SER B 104 14.55 12.82 15.75
N TYR B 105 15.26 13.76 16.37
CA TYR B 105 14.83 14.26 17.67
C TYR B 105 13.41 14.82 17.60
N THR B 106 13.16 15.70 16.63
CA THR B 106 11.83 16.27 16.48
C THR B 106 10.76 15.20 16.26
N CYS B 107 11.04 14.19 15.44
CA CYS B 107 10.03 13.16 15.19
C CYS B 107 9.73 12.36 16.45
N ALA B 108 10.76 12.05 17.24
CA ALA B 108 10.53 11.33 18.49
C ALA B 108 9.71 12.16 19.46
N LEU B 109 9.97 13.48 19.51
CA LEU B 109 9.15 14.38 20.32
C LEU B 109 7.70 14.38 19.86
N LEU B 110 7.49 14.41 18.54
CA LEU B 110 6.14 14.40 18.00
C LEU B 110 5.42 13.09 18.29
N ALA B 111 6.12 11.95 18.20
CA ALA B 111 5.48 10.68 18.51
C ALA B 111 4.96 10.66 19.94
N ALA B 112 5.79 11.13 20.90
CA ALA B 112 5.37 11.14 22.30
C ALA B 112 4.26 12.15 22.56
N GLY B 113 4.44 13.39 22.09
CA GLY B 113 3.42 14.40 22.31
C GLY B 113 2.08 14.03 21.67
N SER B 114 2.13 13.32 20.54
CA SER B 114 0.90 12.81 19.93
C SER B 114 0.16 11.89 20.87
N CYS B 115 0.89 11.00 21.55
CA CYS B 115 0.25 10.07 22.46
C CYS B 115 -0.17 10.74 23.76
N PHE B 116 0.54 11.77 24.21
CA PHE B 116 0.06 12.54 25.37
C PHE B 116 -1.29 13.18 25.07
N ASN B 117 -1.40 13.87 23.93
CA ASN B 117 -2.68 14.46 23.54
C ASN B 117 -3.78 13.41 23.48
N SER B 118 -3.48 12.23 22.94
CA SER B 118 -4.48 11.18 22.83
C SER B 118 -4.89 10.65 24.21
N ALA B 119 -3.91 10.41 25.08
CA ALA B 119 -4.24 10.01 26.45
C ALA B 119 -5.06 11.08 27.16
N GLN B 120 -4.70 12.35 26.97
CA GLN B 120 -5.47 13.44 27.58
C GLN B 120 -6.90 13.46 27.05
N ALA B 121 -7.07 13.29 25.74
CA ALA B 121 -8.42 13.24 25.16
C ALA B 121 -9.24 12.11 25.77
N ILE B 122 -8.60 10.97 26.06
CA ILE B 122 -9.33 9.84 26.66
C ILE B 122 -9.66 10.13 28.10
N LEU B 123 -8.71 10.67 28.86
CA LEU B 123 -8.92 10.82 30.29
C LEU B 123 -9.80 12.01 30.65
N THR B 124 -9.98 12.96 29.73
CA THR B 124 -10.97 14.02 29.92
C THR B 124 -12.33 13.64 29.37
N GLY B 125 -12.48 12.42 28.85
CA GLY B 125 -13.75 11.99 28.29
C GLY B 125 -14.11 12.64 26.96
N GLN B 126 -13.15 13.22 26.27
CA GLN B 126 -13.44 13.80 24.95
C GLN B 126 -13.58 12.74 23.87
N VAL B 127 -12.84 11.63 24.01
CA VAL B 127 -12.98 10.45 23.16
C VAL B 127 -13.02 9.23 24.05
N ARG B 128 -13.58 8.14 23.53
CA ARG B 128 -13.63 6.90 24.29
C ARG B 128 -12.30 6.16 24.20
N ASN B 129 -11.70 6.16 23.01
CA ASN B 129 -10.49 5.41 22.73
C ASN B 129 -9.76 6.12 21.59
N ALA B 130 -8.58 5.63 21.23
CA ALA B 130 -7.83 6.35 20.20
C ALA B 130 -6.74 5.46 19.63
N VAL B 131 -6.29 5.83 18.44
CA VAL B 131 -5.20 5.14 17.74
C VAL B 131 -4.14 6.16 17.37
N ALA B 132 -2.87 5.79 17.52
CA ALA B 132 -1.75 6.71 17.28
C ALA B 132 -0.82 6.12 16.21
N ILE B 133 -0.80 6.75 15.04
CA ILE B 133 0.02 6.28 13.91
C ILE B 133 1.31 7.09 13.96
N VAL B 134 2.29 6.59 14.72
CA VAL B 134 3.48 7.35 15.07
C VAL B 134 4.74 6.56 14.76
N ARG B 135 5.82 7.30 14.50
CA ARG B 135 7.17 6.76 14.37
C ARG B 135 8.14 7.90 14.70
N PRO B 136 9.37 7.59 15.12
CA PRO B 136 9.95 6.27 15.41
C PRO B 136 9.27 5.60 16.61
N PRO B 137 9.44 4.28 16.73
CA PRO B 137 8.83 3.55 17.85
C PRO B 137 9.51 3.84 19.18
N GLY B 138 9.02 3.19 20.25
CA GLY B 138 9.48 3.56 21.58
C GLY B 138 9.85 2.46 22.56
N HIS B 139 9.37 1.22 22.39
CA HIS B 139 9.37 0.32 23.55
C HIS B 139 10.74 -0.28 23.88
N HIS B 140 11.74 -0.15 23.02
CA HIS B 140 13.09 -0.54 23.35
C HIS B 140 13.88 0.58 24.04
N ALA B 141 13.40 1.82 24.00
CA ALA B 141 14.15 2.92 24.59
C ALA B 141 14.18 2.80 26.12
N GLU B 142 15.36 2.98 26.69
CA GLU B 142 15.59 2.89 28.14
C GLU B 142 15.65 4.28 28.77
N LYS B 143 15.71 4.30 30.11
CA LYS B 143 15.88 5.57 30.81
C LYS B 143 17.07 6.35 30.26
N ASP B 144 18.18 5.67 30.00
N ASP B 144 18.18 5.66 30.00
CA ASP B 144 19.45 6.34 29.70
CA ASP B 144 19.46 6.29 29.71
C ASP B 144 20.00 6.02 28.32
C ASP B 144 19.89 6.21 28.25
N THR B 145 19.22 5.41 27.42
CA THR B 145 19.79 5.11 26.11
C THR B 145 18.70 4.81 25.07
N ALA B 146 19.06 5.01 23.81
CA ALA B 146 18.23 4.61 22.68
C ALA B 146 18.59 3.18 22.27
N CYS B 147 17.63 2.49 21.66
CA CYS B 147 17.83 1.10 21.29
C CYS B 147 16.79 0.69 20.26
N GLY B 148 17.20 -0.13 19.29
CA GLY B 148 16.26 -0.83 18.43
C GLY B 148 15.25 0.06 17.74
N PHE B 149 15.73 1.10 17.07
CA PHE B 149 14.96 2.08 16.30
C PHE B 149 14.19 3.05 17.19
N CYS B 150 14.33 2.97 18.53
CA CYS B 150 13.56 3.76 19.48
C CYS B 150 14.45 4.76 20.21
N PHE B 151 14.01 6.01 20.31
CA PHE B 151 14.75 7.06 21.01
C PHE B 151 14.20 7.34 22.40
N PHE B 152 12.89 7.55 22.52
CA PHE B 152 12.22 7.79 23.80
C PHE B 152 11.07 6.81 23.92
N ASN B 153 10.78 6.37 25.15
CA ASN B 153 9.80 5.30 25.32
C ASN B 153 8.41 5.92 25.37
N THR B 154 7.82 6.05 24.19
CA THR B 154 6.53 6.70 24.02
C THR B 154 5.44 6.10 24.91
N ALA B 155 5.30 4.77 24.92
CA ALA B 155 4.25 4.18 25.75
C ALA B 155 4.50 4.41 27.25
N ALA B 156 5.75 4.26 27.70
CA ALA B 156 6.05 4.49 29.11
C ALA B 156 5.86 5.96 29.49
N LEU B 157 6.28 6.86 28.61
CA LEU B 157 6.06 8.28 28.84
C LEU B 157 4.57 8.58 28.93
N THR B 158 3.77 7.97 28.07
CA THR B 158 2.34 8.23 28.05
C THR B 158 1.67 7.75 29.34
N ALA B 159 2.14 6.60 29.87
CA ALA B 159 1.62 6.14 31.16
C ALA B 159 1.94 7.15 32.27
N ARG B 160 3.18 7.66 32.31
CA ARG B 160 3.54 8.65 33.33
C ARG B 160 2.85 9.98 33.07
N TYR B 161 2.72 10.38 31.81
CA TYR B 161 1.94 11.58 31.53
C TYR B 161 0.51 11.44 32.04
N ALA B 162 -0.12 10.29 31.81
CA ALA B 162 -1.50 10.08 32.24
C ALA B 162 -1.63 10.20 33.75
N GLN B 163 -0.68 9.61 34.48
CA GLN B 163 -0.68 9.74 35.93
C GLN B 163 -0.47 11.20 36.35
N SER B 164 0.28 11.97 35.55
CA SER B 164 0.56 13.35 35.91
C SER B 164 -0.65 14.24 35.79
N ILE B 165 -1.62 13.90 34.93
CA ILE B 165 -2.84 14.71 34.79
C ILE B 165 -4.04 14.10 35.50
N THR B 166 -3.88 12.99 36.22
CA THR B 166 -4.99 12.39 36.94
C THR B 166 -4.56 12.26 38.39
N ARG B 167 -4.11 11.08 38.82
CA ARG B 167 -3.46 10.93 40.10
C ARG B 167 -2.24 10.04 39.92
N GLU B 168 -1.25 10.21 40.80
CA GLU B 168 0.04 9.56 40.59
C GLU B 168 -0.10 8.04 40.50
N SER B 169 -1.06 7.45 41.20
CA SER B 169 -1.21 6.00 41.26
C SER B 169 -2.25 5.46 40.29
N LEU B 170 -2.64 6.25 39.28
CA LEU B 170 -3.57 5.76 38.28
C LEU B 170 -3.09 4.42 37.71
N ARG B 171 -3.99 3.44 37.67
CA ARG B 171 -3.62 2.10 37.24
C ARG B 171 -3.61 2.04 35.71
N VAL B 172 -2.42 1.89 35.13
CA VAL B 172 -2.23 1.84 33.69
C VAL B 172 -1.76 0.44 33.33
N LEU B 173 -2.49 -0.22 32.42
CA LEU B 173 -2.07 -1.48 31.82
C LEU B 173 -1.41 -1.17 30.49
N ILE B 174 -0.21 -1.71 30.28
CA ILE B 174 0.45 -1.66 28.97
C ILE B 174 0.49 -3.08 28.44
N VAL B 175 -0.22 -3.32 27.34
CA VAL B 175 -0.16 -4.59 26.64
C VAL B 175 0.73 -4.38 25.44
N ASP B 176 1.78 -5.20 25.32
CA ASP B 176 2.81 -5.04 24.30
C ASP B 176 2.74 -6.29 23.41
N TRP B 177 2.10 -6.17 22.25
CA TRP B 177 1.99 -7.32 21.35
C TRP B 177 2.91 -7.22 20.14
N ASP B 178 3.78 -6.20 20.08
CA ASP B 178 4.94 -6.23 19.20
C ASP B 178 5.66 -7.57 19.34
N VAL B 179 6.22 -8.08 18.24
CA VAL B 179 6.82 -9.40 18.32
C VAL B 179 8.06 -9.40 19.22
N HIS B 180 8.64 -8.24 19.50
CA HIS B 180 9.83 -8.12 20.31
C HIS B 180 9.47 -7.76 21.75
N HIS B 181 10.31 -8.20 22.69
CA HIS B 181 10.15 -7.77 24.07
C HIS B 181 10.41 -6.28 24.20
N GLY B 182 9.52 -5.57 24.89
CA GLY B 182 9.78 -4.17 25.18
C GLY B 182 10.70 -4.02 26.36
N ASN B 183 12.01 -4.20 26.15
CA ASN B 183 12.95 -4.16 27.28
C ASN B 183 12.85 -2.84 28.03
N GLY B 184 12.72 -1.74 27.31
CA GLY B 184 12.67 -0.44 27.98
C GLY B 184 11.45 -0.28 28.87
N THR B 185 10.28 -0.72 28.38
CA THR B 185 9.07 -0.59 29.17
C THR B 185 9.11 -1.45 30.42
N GLN B 186 9.56 -2.70 30.28
CA GLN B 186 9.71 -3.56 31.45
C GLN B 186 10.60 -2.89 32.50
N HIS B 187 11.76 -2.40 32.07
CA HIS B 187 12.73 -1.86 33.04
C HIS B 187 12.20 -0.59 33.69
N ILE B 188 11.56 0.29 32.92
CA ILE B 188 11.06 1.55 33.47
C ILE B 188 10.07 1.30 34.60
N PHE B 189 9.22 0.27 34.45
CA PHE B 189 8.17 0.02 35.45
C PHE B 189 8.42 -1.23 36.30
N GLU B 190 9.62 -1.83 36.25
CA GLU B 190 9.80 -3.13 36.88
C GLU B 190 9.58 -3.08 38.38
N GLU B 191 9.85 -1.94 39.02
CA GLU B 191 9.63 -1.78 40.46
C GLU B 191 8.34 -1.05 40.76
N ASP B 192 7.35 -1.12 39.87
CA ASP B 192 6.16 -0.29 39.98
C ASP B 192 4.90 -1.14 39.90
N ASP B 193 4.01 -0.99 40.89
CA ASP B 193 2.74 -1.70 40.88
C ASP B 193 1.61 -0.90 40.24
N SER B 194 1.82 0.38 39.92
CA SER B 194 0.77 1.17 39.29
C SER B 194 0.70 0.97 37.78
N VAL B 195 1.75 0.42 37.19
CA VAL B 195 1.77 0.16 35.75
C VAL B 195 2.03 -1.32 35.56
N LEU B 196 1.01 -2.04 35.09
CA LEU B 196 1.11 -3.46 34.80
C LEU B 196 1.59 -3.64 33.37
N TYR B 197 2.73 -4.31 33.21
CA TYR B 197 3.32 -4.55 31.89
C TYR B 197 3.13 -6.01 31.51
N ILE B 198 2.43 -6.24 30.39
CA ILE B 198 2.23 -7.57 29.84
C ILE B 198 2.78 -7.58 28.42
N SER B 199 3.80 -8.40 28.19
CA SER B 199 4.37 -8.52 26.86
C SER B 199 4.22 -9.95 26.35
N LEU B 200 3.82 -10.08 25.09
CA LEU B 200 3.95 -11.31 24.33
C LEU B 200 5.04 -11.09 23.31
N HIS B 201 5.93 -12.07 23.16
CA HIS B 201 7.08 -11.82 22.28
C HIS B 201 7.76 -13.13 21.90
N ARG B 202 8.29 -13.14 20.68
CA ARG B 202 9.19 -14.23 20.29
C ARG B 202 10.45 -14.12 21.13
N TYR B 203 10.82 -15.24 21.76
CA TYR B 203 11.92 -15.26 22.71
C TYR B 203 13.04 -16.19 22.27
N GLU B 204 12.72 -17.43 21.90
CA GLU B 204 13.69 -18.44 21.44
C GLU B 204 14.84 -18.59 22.43
N ASP B 205 14.48 -18.77 23.71
CA ASP B 205 15.44 -19.00 24.80
C ASP B 205 16.49 -17.91 24.87
N GLY B 206 16.08 -16.67 24.59
CA GLY B 206 16.96 -15.52 24.69
C GLY B 206 17.70 -15.18 23.42
N ALA B 207 17.50 -15.93 22.34
CA ALA B 207 18.24 -15.74 21.11
C ALA B 207 17.62 -14.69 20.19
N PHE B 208 16.34 -14.41 20.35
CA PHE B 208 15.67 -13.44 19.48
C PHE B 208 15.87 -12.05 20.04
N PHE B 209 16.04 -11.07 19.13
CA PHE B 209 16.20 -9.68 19.52
C PHE B 209 15.09 -9.29 20.51
N PRO B 210 15.42 -8.54 21.58
CA PRO B 210 16.71 -7.91 21.87
C PRO B 210 17.68 -8.74 22.71
N ASN B 211 17.55 -10.07 22.64
CA ASN B 211 18.63 -10.99 23.02
C ASN B 211 18.95 -10.96 24.52
N SER B 212 17.95 -10.75 25.37
CA SER B 212 18.16 -10.72 26.80
C SER B 212 17.22 -11.70 27.48
N GLU B 213 17.75 -12.47 28.45
CA GLU B 213 16.87 -13.30 29.24
C GLU B 213 16.00 -12.50 30.21
N ASP B 214 16.15 -11.16 30.25
CA ASP B 214 15.14 -10.33 30.91
C ASP B 214 13.74 -10.61 30.37
N ALA B 215 13.62 -11.17 29.18
CA ALA B 215 12.31 -11.35 28.57
C ALA B 215 11.64 -12.67 28.96
N ASN B 216 12.26 -13.49 29.82
CA ASN B 216 11.68 -14.79 30.14
C ASN B 216 10.52 -14.65 31.12
N TYR B 217 9.73 -15.74 31.22
CA TYR B 217 8.50 -15.73 32.01
C TYR B 217 8.76 -15.57 33.50
N ASP B 218 9.98 -15.85 33.96
CA ASP B 218 10.25 -15.82 35.40
C ASP B 218 10.61 -14.42 35.90
N LYS B 219 10.62 -13.42 35.02
CA LYS B 219 10.83 -12.03 35.45
C LYS B 219 9.46 -11.47 35.77
N VAL B 220 9.11 -11.39 37.05
CA VAL B 220 7.76 -11.04 37.47
C VAL B 220 7.68 -9.66 38.11
N GLY B 221 8.78 -8.91 38.11
CA GLY B 221 8.83 -7.60 38.74
C GLY B 221 9.60 -7.64 40.06
N LEU B 222 9.88 -6.43 40.55
CA LEU B 222 10.77 -6.22 41.69
C LEU B 222 10.13 -5.31 42.73
N GLY B 223 10.50 -5.53 44.00
CA GLY B 223 10.00 -4.67 45.07
C GLY B 223 8.48 -4.64 45.11
N LYS B 224 7.92 -3.44 45.25
CA LYS B 224 6.46 -3.33 45.26
C LYS B 224 5.84 -3.76 43.93
N GLY B 225 6.63 -3.89 42.87
CA GLY B 225 6.21 -4.33 41.56
C GLY B 225 6.18 -5.84 41.34
N ARG B 226 6.41 -6.65 42.36
CA ARG B 226 6.37 -8.09 42.18
C ARG B 226 4.99 -8.55 41.77
N GLY B 227 4.90 -9.23 40.63
CA GLY B 227 3.63 -9.64 40.06
C GLY B 227 3.08 -8.72 38.99
N TYR B 228 3.66 -7.52 38.82
CA TYR B 228 3.16 -6.55 37.85
C TYR B 228 4.01 -6.48 36.60
N ASN B 229 4.80 -7.52 36.34
CA ASN B 229 5.49 -7.70 35.06
C ASN B 229 5.20 -9.11 34.57
N VAL B 230 4.54 -9.22 33.42
CA VAL B 230 4.09 -10.50 32.87
C VAL B 230 4.71 -10.65 31.49
N ASN B 231 5.66 -11.59 31.37
CA ASN B 231 6.31 -11.91 30.10
C ASN B 231 5.77 -13.24 29.57
N ILE B 232 5.30 -13.23 28.33
CA ILE B 232 4.77 -14.43 27.69
C ILE B 232 5.67 -14.74 26.50
N PRO B 233 6.70 -15.58 26.69
CA PRO B 233 7.73 -15.77 25.67
C PRO B 233 7.47 -16.97 24.79
N TRP B 234 7.57 -16.81 23.47
CA TRP B 234 7.35 -17.89 22.52
C TRP B 234 8.68 -18.51 22.11
N ASN B 235 8.70 -19.83 22.00
CA ASN B 235 9.87 -20.61 21.65
C ASN B 235 9.52 -21.65 20.60
N GLY B 236 10.43 -21.86 19.65
CA GLY B 236 10.41 -23.00 18.77
C GLY B 236 9.18 -23.19 17.89
N GLY B 237 8.75 -22.13 17.21
CA GLY B 237 7.56 -22.27 16.40
C GLY B 237 7.04 -20.98 15.81
N LYS B 238 6.46 -21.08 14.61
CA LYS B 238 5.77 -19.97 13.97
C LYS B 238 4.42 -19.80 14.65
N MET B 239 4.29 -18.78 15.46
CA MET B 239 3.06 -18.59 16.22
C MET B 239 2.09 -17.72 15.44
N GLY B 240 0.81 -17.89 15.75
CA GLY B 240 -0.24 -17.18 15.03
C GLY B 240 -1.46 -17.00 15.89
N ASP B 241 -2.61 -16.85 15.24
CA ASP B 241 -3.86 -16.52 15.93
C ASP B 241 -4.21 -17.50 17.05
N PRO B 242 -4.14 -18.83 16.86
CA PRO B 242 -4.48 -19.73 17.97
C PRO B 242 -3.65 -19.46 19.22
N GLU B 243 -2.34 -19.24 19.06
CA GLU B 243 -1.49 -19.04 20.22
C GLU B 243 -1.80 -17.71 20.91
N TYR B 244 -2.04 -16.66 20.12
CA TYR B 244 -2.32 -15.36 20.74
C TYR B 244 -3.69 -15.34 21.41
N MET B 245 -4.71 -15.95 20.78
CA MET B 245 -6.02 -16.07 21.43
C MET B 245 -5.92 -16.85 22.73
N ALA B 246 -5.16 -17.95 22.72
CA ALA B 246 -5.03 -18.77 23.92
C ALA B 246 -4.32 -18.01 25.03
N ALA B 247 -3.28 -17.24 24.68
CA ALA B 247 -2.59 -16.45 25.71
C ALA B 247 -3.51 -15.38 26.28
N PHE B 248 -4.36 -14.78 25.45
CA PHE B 248 -5.31 -13.79 25.96
C PHE B 248 -6.34 -14.44 26.86
N HIS B 249 -6.82 -15.63 26.50
CA HIS B 249 -7.85 -16.31 27.28
C HIS B 249 -7.33 -16.74 28.65
N HIS B 250 -6.15 -17.36 28.69
CA HIS B 250 -5.63 -17.95 29.92
C HIS B 250 -4.84 -16.96 30.77
N LEU B 251 -4.30 -15.89 30.19
CA LEU B 251 -3.34 -15.04 30.89
C LEU B 251 -3.68 -13.56 30.82
N VAL B 252 -3.68 -12.98 29.61
CA VAL B 252 -3.76 -11.53 29.48
C VAL B 252 -5.06 -10.99 30.09
N MET B 253 -6.19 -11.61 29.73
CA MET B 253 -7.46 -11.03 30.17
C MET B 253 -7.78 -11.32 31.64
N PRO B 254 -7.53 -12.52 32.17
CA PRO B 254 -7.75 -12.71 33.62
C PRO B 254 -6.89 -11.82 34.48
N ILE B 255 -5.62 -11.63 34.12
CA ILE B 255 -4.76 -10.75 34.91
C ILE B 255 -5.22 -9.31 34.78
N ALA B 256 -5.49 -8.87 33.55
CA ALA B 256 -5.94 -7.50 33.33
C ALA B 256 -7.21 -7.21 34.11
N ARG B 257 -8.18 -8.13 34.10
CA ARG B 257 -9.42 -7.88 34.81
C ARG B 257 -9.19 -7.75 36.32
N GLU B 258 -8.32 -8.60 36.87
CA GLU B 258 -8.03 -8.51 38.29
C GLU B 258 -7.31 -7.21 38.63
N PHE B 259 -6.42 -6.76 37.73
CA PHE B 259 -5.70 -5.49 37.92
C PHE B 259 -6.64 -4.29 37.91
N ALA B 260 -7.73 -4.37 37.13
CA ALA B 260 -8.75 -3.33 37.04
C ALA B 260 -8.15 -2.00 36.56
N PRO B 261 -7.57 -1.97 35.35
CA PRO B 261 -6.91 -0.75 34.88
C PRO B 261 -7.89 0.41 34.72
N GLU B 262 -7.37 1.62 34.93
CA GLU B 262 -8.09 2.84 34.61
C GLU B 262 -7.71 3.39 33.23
N LEU B 263 -6.68 2.83 32.60
CA LEU B 263 -6.32 3.18 31.24
C LEU B 263 -5.52 2.02 30.65
N VAL B 264 -5.79 1.70 29.40
CA VAL B 264 -5.06 0.66 28.68
C VAL B 264 -4.28 1.34 27.56
N LEU B 265 -2.98 1.11 27.53
CA LEU B 265 -2.13 1.45 26.40
C LEU B 265 -1.71 0.16 25.71
N VAL B 266 -1.76 0.15 24.38
CA VAL B 266 -1.27 -0.99 23.60
C VAL B 266 -0.01 -0.55 22.88
N SER B 267 1.10 -1.22 23.18
CA SER B 267 2.33 -1.09 22.40
C SER B 267 2.11 -2.00 21.21
N ALA B 268 1.50 -1.43 20.17
CA ALA B 268 0.94 -2.19 19.06
C ALA B 268 1.94 -2.19 17.90
N GLY B 269 2.97 -3.03 18.04
CA GLY B 269 3.76 -3.40 16.89
C GLY B 269 3.05 -4.45 16.06
N PHE B 270 3.28 -4.42 14.76
CA PHE B 270 2.63 -5.39 13.88
C PHE B 270 3.66 -6.24 13.17
N ASP B 271 4.78 -6.49 13.84
CA ASP B 271 5.79 -7.37 13.29
C ASP B 271 5.59 -8.84 13.67
N ALA B 272 4.56 -9.17 14.44
CA ALA B 272 4.14 -10.56 14.50
C ALA B 272 3.16 -10.92 13.38
N ALA B 273 2.96 -10.03 12.41
CA ALA B 273 1.98 -10.26 11.37
C ALA B 273 2.51 -11.20 10.30
N ARG B 274 1.61 -11.99 9.74
CA ARG B 274 1.90 -12.72 8.50
C ARG B 274 2.51 -11.76 7.48
N GLY B 275 3.65 -12.15 6.91
CA GLY B 275 4.34 -11.36 5.92
C GLY B 275 5.47 -10.48 6.43
N ASP B 276 5.63 -10.33 7.75
CA ASP B 276 6.68 -9.46 8.26
C ASP B 276 8.06 -10.01 7.89
N PRO B 277 9.01 -9.16 7.49
CA PRO B 277 10.33 -9.67 7.11
C PRO B 277 11.21 -10.06 8.30
N LEU B 278 10.81 -9.74 9.53
CA LEU B 278 11.64 -9.94 10.71
C LEU B 278 11.02 -10.87 11.75
N GLY B 279 9.71 -10.81 11.95
CA GLY B 279 9.09 -11.52 13.06
C GLY B 279 8.98 -13.03 12.89
N GLY B 280 8.69 -13.48 11.66
CA GLY B 280 8.52 -14.89 11.40
C GLY B 280 7.23 -15.51 11.89
N PHE B 281 6.26 -14.70 12.34
CA PHE B 281 4.99 -15.19 12.86
C PHE B 281 3.88 -14.98 11.82
N GLN B 282 2.65 -15.38 12.17
CA GLN B 282 1.57 -15.34 11.19
C GLN B 282 0.26 -14.89 11.83
N VAL B 283 0.32 -13.95 12.76
CA VAL B 283 -0.91 -13.36 13.27
C VAL B 283 -1.57 -12.61 12.12
N THR B 284 -2.91 -12.75 11.99
CA THR B 284 -3.67 -12.17 10.89
C THR B 284 -4.29 -10.84 11.28
N PRO B 285 -4.70 -10.01 10.31
CA PRO B 285 -5.45 -8.79 10.67
C PRO B 285 -6.69 -9.08 11.48
N GLU B 286 -7.40 -10.18 11.17
CA GLU B 286 -8.55 -10.56 11.97
C GLU B 286 -8.12 -10.90 13.39
N GLY B 287 -6.95 -11.54 13.56
CA GLY B 287 -6.47 -11.84 14.89
C GLY B 287 -6.24 -10.58 15.71
N TYR B 288 -5.56 -9.59 15.11
CA TYR B 288 -5.34 -8.33 15.79
C TYR B 288 -6.67 -7.65 16.14
N ALA B 289 -7.68 -7.79 15.27
CA ALA B 289 -8.99 -7.23 15.62
C ALA B 289 -9.55 -7.88 16.87
N HIS B 290 -9.44 -9.20 16.97
CA HIS B 290 -9.99 -9.88 18.14
C HIS B 290 -9.24 -9.52 19.41
N LEU B 291 -7.92 -9.35 19.33
CA LEU B 291 -7.16 -8.91 20.50
C LEU B 291 -7.63 -7.53 20.93
N THR B 292 -7.80 -6.61 19.96
CA THR B 292 -8.29 -5.27 20.29
C THR B 292 -9.66 -5.35 20.95
N HIS B 293 -10.59 -6.08 20.33
CA HIS B 293 -11.94 -6.18 20.87
C HIS B 293 -11.95 -6.70 22.30
N GLN B 294 -11.06 -7.64 22.62
CA GLN B 294 -10.99 -8.12 24.00
C GLN B 294 -10.53 -7.04 24.96
N LEU B 295 -9.52 -6.24 24.57
CA LEU B 295 -9.01 -5.21 25.47
C LEU B 295 -10.01 -4.09 25.69
N MET B 296 -10.89 -3.85 24.72
CA MET B 296 -11.94 -2.85 24.85
C MET B 296 -12.90 -3.14 26.01
N SER B 297 -12.89 -4.37 26.54
CA SER B 297 -13.72 -4.69 27.71
C SER B 297 -13.11 -4.19 29.02
N LEU B 298 -11.90 -3.65 28.98
CA LEU B 298 -11.20 -3.18 30.17
C LEU B 298 -11.28 -1.66 30.29
N ALA B 299 -11.13 -1.18 31.52
CA ALA B 299 -10.97 0.25 31.80
C ALA B 299 -12.13 1.08 31.23
N ALA B 300 -13.34 0.51 31.22
CA ALA B 300 -14.50 1.18 30.64
C ALA B 300 -14.24 1.59 29.21
N GLY B 301 -13.45 0.80 28.48
CA GLY B 301 -13.15 1.05 27.09
C GLY B 301 -12.04 2.03 26.81
N ARG B 302 -11.36 2.55 27.83
CA ARG B 302 -10.33 3.58 27.66
C ARG B 302 -9.05 2.92 27.16
N VAL B 303 -8.91 2.83 25.83
CA VAL B 303 -7.84 2.10 25.17
C VAL B 303 -7.15 3.04 24.17
N LEU B 304 -5.80 3.09 24.22
CA LEU B 304 -5.00 3.85 23.27
C LEU B 304 -4.03 2.90 22.58
N ILE B 305 -4.13 2.81 21.26
CA ILE B 305 -3.31 1.91 20.44
C ILE B 305 -2.15 2.72 19.85
N ILE B 306 -0.92 2.34 20.19
CA ILE B 306 0.28 3.10 19.81
C ILE B 306 1.10 2.23 18.87
N LEU B 307 1.37 2.73 17.66
CA LEU B 307 2.21 1.97 16.72
C LEU B 307 3.61 1.82 17.28
N GLU B 308 4.12 0.59 17.30
CA GLU B 308 5.52 0.34 17.56
C GLU B 308 6.18 -0.16 16.27
N GLY B 309 6.59 -1.43 16.23
CA GLY B 309 7.21 -2.01 15.05
C GLY B 309 6.20 -2.53 14.04
N GLY B 310 6.73 -3.33 13.10
CA GLY B 310 5.95 -3.83 11.97
C GLY B 310 6.52 -3.31 10.67
N TYR B 311 6.95 -4.21 9.76
CA TYR B 311 7.79 -3.81 8.64
C TYR B 311 7.34 -4.29 7.26
N ASN B 312 6.28 -5.10 7.17
CA ASN B 312 5.62 -5.33 5.88
C ASN B 312 4.55 -4.25 5.73
N LEU B 313 4.73 -3.36 4.75
CA LEU B 313 3.85 -2.19 4.65
C LEU B 313 2.39 -2.60 4.47
N THR B 314 2.14 -3.63 3.65
CA THR B 314 0.77 -4.09 3.44
C THR B 314 0.21 -4.72 4.72
N SER B 315 1.00 -5.55 5.40
CA SER B 315 0.51 -6.23 6.60
C SER B 315 0.19 -5.24 7.70
N ILE B 316 1.08 -4.26 7.93
CA ILE B 316 0.83 -3.34 9.05
C ILE B 316 -0.32 -2.42 8.72
N SER B 317 -0.51 -2.09 7.44
CA SER B 317 -1.64 -1.25 7.07
C SER B 317 -2.95 -1.97 7.29
N GLU B 318 -3.05 -3.23 6.84
CA GLU B 318 -4.29 -3.97 7.06
C GLU B 318 -4.52 -4.25 8.54
N SER B 319 -3.45 -4.58 9.28
CA SER B 319 -3.62 -5.00 10.67
C SER B 319 -4.04 -3.84 11.55
N MET B 320 -3.35 -2.70 11.47
CA MET B 320 -3.75 -1.59 12.33
C MET B 320 -5.12 -1.04 11.95
N SER B 321 -5.48 -1.03 10.65
CA SER B 321 -6.80 -0.56 10.25
CA SER B 321 -6.81 -0.56 10.26
C SER B 321 -7.90 -1.42 10.87
N MET B 322 -7.69 -2.74 10.91
CA MET B 322 -8.64 -3.62 11.58
C MET B 322 -8.79 -3.27 13.06
N CYS B 323 -7.68 -2.91 13.72
CA CYS B 323 -7.78 -2.51 15.13
C CYS B 323 -8.64 -1.26 15.28
N THR B 324 -8.46 -0.28 14.38
CA THR B 324 -9.27 0.94 14.46
C THR B 324 -10.73 0.63 14.20
N SER B 325 -11.01 -0.27 13.26
CA SER B 325 -12.38 -0.71 13.04
C SER B 325 -13.01 -1.25 14.32
N MET B 326 -12.24 -2.00 15.10
CA MET B 326 -12.76 -2.50 16.39
C MET B 326 -13.03 -1.34 17.35
N LEU B 327 -12.07 -0.43 17.52
CA LEU B 327 -12.27 0.72 18.41
C LEU B 327 -13.52 1.50 18.04
N LEU B 328 -13.86 1.54 16.75
CA LEU B 328 -15.03 2.27 16.26
C LEU B 328 -16.33 1.54 16.56
N GLY B 329 -16.26 0.31 17.05
CA GLY B 329 -17.45 -0.45 17.38
C GLY B 329 -17.89 -1.46 16.34
N ASP B 330 -17.11 -1.69 15.29
CA ASP B 330 -17.52 -2.67 14.29
C ASP B 330 -17.47 -4.08 14.86
N SER B 331 -18.27 -4.97 14.26
CA SER B 331 -18.34 -6.34 14.75
C SER B 331 -17.03 -7.07 14.46
N PRO B 332 -16.56 -7.90 15.38
CA PRO B 332 -15.31 -8.65 15.15
C PRO B 332 -15.40 -9.54 13.92
N PRO B 333 -14.36 -9.56 13.11
CA PRO B 333 -14.42 -10.32 11.85
C PRO B 333 -14.36 -11.81 12.10
N SER B 334 -14.66 -12.56 11.04
CA SER B 334 -14.62 -14.01 11.11
C SER B 334 -13.18 -14.51 11.27
N LEU B 335 -12.97 -15.41 12.23
CA LEU B 335 -11.69 -16.08 12.43
C LEU B 335 -11.80 -17.52 11.97
N ASP B 336 -10.81 -17.97 11.20
CA ASP B 336 -10.82 -19.32 10.63
C ASP B 336 -10.50 -20.39 11.66
N THR B 339 -7.78 -24.55 15.54
CA THR B 339 -6.51 -25.27 15.36
C THR B 339 -5.80 -25.39 16.69
N PRO B 340 -5.42 -26.62 17.07
CA PRO B 340 -4.75 -26.80 18.35
C PRO B 340 -3.43 -26.06 18.39
N LEU B 341 -3.03 -25.66 19.59
CA LEU B 341 -1.80 -24.88 19.74
C LEU B 341 -0.58 -25.71 19.37
N LYS B 342 0.43 -25.03 18.87
CA LYS B 342 1.76 -25.61 18.84
C LYS B 342 2.14 -26.06 20.25
N THR B 343 2.77 -27.23 20.32
CA THR B 343 3.12 -27.82 21.61
C THR B 343 3.88 -26.85 22.49
N SER B 344 4.88 -26.17 21.92
CA SER B 344 5.71 -25.27 22.72
C SER B 344 4.92 -24.08 23.23
N ALA B 345 3.85 -23.70 22.52
CA ALA B 345 3.02 -22.60 22.99
C ALA B 345 2.23 -23.00 24.24
N THR B 346 1.77 -24.25 24.30
CA THR B 346 1.16 -24.76 25.51
C THR B 346 2.14 -24.73 26.68
N VAL B 347 3.39 -25.14 26.43
CA VAL B 347 4.43 -25.10 27.44
C VAL B 347 4.67 -23.66 27.91
N SER B 348 4.77 -22.72 26.96
CA SER B 348 4.97 -21.32 27.33
C SER B 348 3.86 -20.82 28.24
N ILE B 349 2.59 -21.03 27.85
CA ILE B 349 1.48 -20.51 28.64
C ILE B 349 1.47 -21.13 30.03
N ASN B 350 1.72 -22.43 30.13
CA ASN B 350 1.74 -23.08 31.44
C ASN B 350 2.89 -22.56 32.30
N ASN B 351 4.03 -22.23 31.69
CA ASN B 351 5.13 -21.66 32.46
C ASN B 351 4.75 -20.31 33.03
N VAL B 352 4.04 -19.49 32.26
CA VAL B 352 3.61 -18.19 32.78
C VAL B 352 2.58 -18.38 33.89
N LEU B 353 1.68 -19.36 33.73
CA LEU B 353 0.70 -19.63 34.78
C LEU B 353 1.38 -20.04 36.08
N ARG B 354 2.40 -20.87 35.99
CA ARG B 354 3.13 -21.25 37.19
C ARG B 354 3.82 -20.04 37.81
N ALA B 355 4.34 -19.13 36.99
CA ALA B 355 5.06 -17.96 37.49
C ALA B 355 4.13 -16.94 38.16
N HIS B 356 2.88 -16.83 37.72
CA HIS B 356 2.05 -15.72 38.15
C HIS B 356 0.83 -16.13 38.96
N ALA B 357 0.46 -17.41 38.96
CA ALA B 357 -0.61 -17.87 39.85
C ALA B 357 -0.36 -17.50 41.32
N PRO B 358 0.88 -17.44 41.81
CA PRO B 358 1.06 -16.95 43.20
C PRO B 358 0.57 -15.53 43.41
N PHE B 359 0.52 -14.70 42.36
CA PHE B 359 0.19 -13.29 42.51
C PHE B 359 -1.23 -12.94 42.12
N TRP B 360 -1.87 -13.74 41.27
CA TRP B 360 -3.14 -13.38 40.66
C TRP B 360 -4.17 -14.46 40.99
N SER B 361 -5.15 -14.11 41.83
CA SER B 361 -6.10 -15.14 42.26
C SER B 361 -6.96 -15.64 41.12
N SER B 362 -7.13 -14.87 40.06
CA SER B 362 -7.87 -15.32 38.89
C SER B 362 -7.16 -16.45 38.14
N LEU B 363 -5.89 -16.72 38.43
CA LEU B 363 -5.17 -17.82 37.78
C LEU B 363 -5.24 -19.07 38.67
C02 TO3 C . -8.93 8.06 -16.55
C05 TO3 C . -9.84 9.11 -16.25
C06 TO3 C . -10.38 9.14 -14.96
C07 TO3 C . -11.11 10.20 -14.62
C08 TO3 C . -11.22 11.23 -15.48
C09 TO3 C . -12.02 12.47 -15.17
C11 TO3 C . -14.35 11.88 -15.10
C12 TO3 C . -14.92 10.51 -14.80
C13 TO3 C . -14.35 9.31 -15.24
C15 TO3 C . -15.93 8.13 -14.26
C16 TO3 C . -16.58 9.23 -13.79
C17 TO3 C . -16.05 10.43 -14.05
C20 TO3 C . -13.89 14.54 -13.12
C21 TO3 C . -15.20 14.80 -12.87
C22 TO3 C . -15.67 16.08 -13.03
C24 TO3 C . -14.81 17.02 -13.48
C26 TO3 C . -13.47 16.76 -13.77
C28 TO3 C . -13.02 15.50 -13.59
C31 TO3 C . -10.67 11.14 -16.73
C32 TO3 C . -9.94 10.11 -17.09
F23 TO3 C . -16.94 16.38 -12.77
F25 TO3 C . -15.26 18.23 -13.62
F27 TO3 C . -12.65 17.71 -14.17
F29 TO3 C . -11.78 15.19 -13.78
N03 TO3 C . -9.17 6.99 -15.77
N10 TO3 C . -13.16 12.20 -14.41
N14 TO3 C . -14.87 8.22 -14.96
O01 TO3 C . -7.88 8.24 -17.21
O04 TO3 C . -8.31 6.18 -15.67
O19 TO3 C . -12.18 12.85 -12.21
O30 TO3 C . -14.15 12.21 -12.30
S18 TO3 C . -13.26 12.88 -12.89
C1 EDO D . -17.10 3.16 -38.61
O1 EDO D . -17.87 2.04 -38.22
C2 EDO D . -16.55 3.89 -37.39
O2 EDO D . -15.45 3.18 -36.85
C1 EDO E . -23.29 11.56 -30.28
O1 EDO E . -23.70 12.47 -29.29
C2 EDO E . -21.77 11.41 -30.20
O2 EDO E . -21.44 10.99 -28.89
C FMT F . -16.62 6.95 -35.78
O1 FMT F . -16.65 7.69 -34.77
O2 FMT F . -15.85 7.24 -36.73
C FMT G . -8.32 20.06 -9.51
O1 FMT G . -8.53 19.01 -8.83
O2 FMT G . -7.62 20.02 -10.58
C FMT H . -8.51 17.64 -13.65
O1 FMT H . -9.03 16.75 -12.92
O2 FMT H . -8.44 18.90 -13.38
ZN ZN I . -9.55 4.74 -17.09
K K J . -10.85 0.19 -22.42
K K K . -7.49 -0.07 -36.23
K K L . -14.46 7.63 -34.04
C02 TO3 M . 11.82 -3.29 16.18
C05 TO3 M . 13.22 -3.73 15.85
C06 TO3 M . 14.27 -3.34 16.59
C07 TO3 M . 15.50 -3.66 16.17
C08 TO3 M . 15.70 -4.31 15.00
C09 TO3 M . 17.13 -4.60 14.60
C11 TO3 M . 17.58 -7.01 14.71
C12 TO3 M . 16.52 -8.08 14.55
C13 TO3 M . 15.24 -7.94 15.08
C15 TO3 M . 14.60 -9.87 14.36
C16 TO3 M . 15.79 -10.19 13.82
C17 TO3 M . 16.78 -9.25 13.92
C20 TO3 M . 19.67 -5.73 12.46
C21 TO3 M . 20.39 -6.85 12.32
C22 TO3 M . 21.78 -6.80 12.35
C24 TO3 M . 22.31 -5.56 12.59
C26 TO3 M . 21.54 -4.44 12.74
C28 TO3 M . 20.20 -4.50 12.72
C31 TO3 M . 14.67 -4.67 14.21
C32 TO3 M . 13.43 -4.37 14.61
F23 TO3 M . 22.54 -7.90 12.21
F25 TO3 M . 23.59 -5.44 12.64
F27 TO3 M . 22.11 -3.30 12.94
F29 TO3 M . 19.49 -3.42 12.84
N03 TO3 M . 11.01 -4.08 15.52
N10 TO3 M . 17.31 -5.81 13.96
N14 TO3 M . 14.34 -8.79 14.95
O01 TO3 M . 11.57 -2.19 16.63
O04 TO3 M . 9.88 -3.74 15.32
O19 TO3 M . 17.65 -6.99 11.93
O30 TO3 M . 17.43 -5.01 11.63
S18 TO3 M . 17.91 -5.84 12.40
C1 EDO N . 15.87 -8.37 35.23
O1 EDO N . 15.11 -8.14 36.40
C2 EDO N . 15.97 -7.06 34.48
O2 EDO N . 14.70 -6.79 33.93
C FMT O . 22.16 1.12 7.88
O1 FMT O . 21.19 0.41 7.46
O2 FMT O . 21.98 2.02 8.76
ZN ZN P . 9.26 -5.16 17.10
K K Q . 5.38 -3.14 36.45
K K R . 5.99 -7.52 22.92
#